data_8WEF
#
_entry.id   8WEF
#
_cell.length_a   155.959
_cell.length_b   155.959
_cell.length_c   125.087
_cell.angle_alpha   90.00
_cell.angle_beta   90.00
_cell.angle_gamma   120.00
#
_symmetry.space_group_name_H-M   'P 31 2 1'
#
loop_
_entity.id
_entity.type
_entity.pdbx_description
1 polymer 'MALE DISCOVERER 1-INTERACTING RECEPTOR-LIKE KINASE 2'
2 polymer 'a SCOOP-like peptide from F. oxysporum f. sp. conglutinans strain Fo5176'
3 branched beta-D-mannopyranose-(1-4)-2-acetamido-2-deoxy-beta-D-glucopyranose-(1-4)-2-acetamido-2-deoxy-beta-D-glucopyranose
4 branched 2-acetamido-2-deoxy-beta-D-glucopyranose-(1-4)-2-acetamido-2-deoxy-beta-D-glucopyranose
5 branched beta-D-mannopyranose-(1-4)-2-acetamido-2-deoxy-beta-D-glucopyranose-(1-4)-[alpha-L-fucopyranose-(1-6)]2-acetamido-2-deoxy-beta-D-glucopyranose
6 branched 2-acetamido-2-deoxy-beta-D-glucopyranose-(1-4)-[alpha-L-fucopyranose-(1-6)]2-acetamido-2-deoxy-beta-D-glucopyranose
7 non-polymer 2-acetamido-2-deoxy-beta-D-glucopyranose
8 water water
#
loop_
_entity_poly.entity_id
_entity_poly.type
_entity_poly.pdbx_seq_one_letter_code
_entity_poly.pdbx_strand_id
1 'polypeptide(L)'
;TVSEANALLKWKSTFTNQTSSSKLSSWVNPNTSFCRSWYGVSCVRNSIIRLNLTNTDIEGTFQDFPFSALPNLSYVDLSM
NRFSGTIPPQFGDFSKLIYFDLSINQLVGEIPSELGKLSNLETLHLVENKLNGSIPSEIGRLTKLHEIALYDNLLTGPIP
SSFGNLTNLANLYLFINSLSGPIPPELGNLSSLAELCLDRNKLTGQIPSSFGKLKNVTLLNMFENNLTGEIPPEIGDMSA
LDTLSLHTNNLTGSIPSSLGNLKNLAILHLYLNKLTGSIPEELGDMETMIDLEISENKLTGPVPGSFGKLTKLEWLFLRD
NHLSGPIPPGIANSSVLTVLQLDTNNFTGVLPETICRSGKLENLTLDDNLLSGPIPISLTNCKSLIRARFKGNSFSGDIS
ESFGEYPNLNFIDLSNNKFRGQISPKWEKSRKLVAFIATDNNITGPIPPEIWNMTQLNQLDLSSNNISGELPETISKLTR
VSKLQLNGNQLSGRIPSGIRSLANLEYLDLSSNRFSFQIPATLDSLPRLYYMNLSRNDLDQNIPMGLTKLSQLQTLDLSH
NNLDGEIPSQFTSLQNLEKLYLQHNNLSGPIPSSFSEMKSLTHVDVSHNNLEGPIPDNAAFKNARPDALEGNRDLCGSNT
TQGLKPCEITPSGKKKSNKDEFHHHHHHHHHH
;
A
2 'polypeptide(L)' ESSSSHSERAGGR C
#
# COMPACT_ATOMS: atom_id res chain seq x y z
N THR A 1 2.63 36.21 43.95
CA THR A 1 1.61 36.52 42.94
C THR A 1 1.98 37.71 42.08
N VAL A 2 2.12 38.88 42.71
CA VAL A 2 2.76 39.98 42.01
C VAL A 2 4.18 39.59 41.65
N SER A 3 4.84 38.82 42.53
CA SER A 3 6.12 38.24 42.17
C SER A 3 5.97 37.13 41.14
N GLU A 4 4.84 36.40 41.17
CA GLU A 4 4.56 35.43 40.12
C GLU A 4 4.36 36.12 38.77
N ALA A 5 3.62 37.23 38.76
CA ALA A 5 3.37 37.94 37.52
C ALA A 5 4.65 38.56 36.96
N ASN A 6 5.51 39.09 37.84
CA ASN A 6 6.78 39.62 37.38
C ASN A 6 7.65 38.53 36.78
N ALA A 7 7.68 37.36 37.44
CA ALA A 7 8.52 36.27 36.96
C ALA A 7 8.07 35.79 35.58
N LEU A 8 6.76 35.70 35.36
CA LEU A 8 6.28 35.25 34.06
C LEU A 8 6.49 36.32 32.99
N LEU A 9 6.47 37.60 33.39
CA LEU A 9 6.74 38.67 32.45
C LEU A 9 8.19 38.66 31.99
N LYS A 10 9.12 38.41 32.92
CA LYS A 10 10.53 38.30 32.56
C LYS A 10 10.76 37.13 31.62
N TRP A 11 10.08 36.00 31.88
CA TRP A 11 10.18 34.86 30.96
C TRP A 11 9.58 35.22 29.60
N LYS A 12 8.43 35.89 29.60
CA LYS A 12 7.80 36.28 28.34
C LYS A 12 8.70 37.19 27.51
N SER A 13 9.49 38.03 28.18
CA SER A 13 10.37 38.95 27.47
C SER A 13 11.48 38.23 26.72
N THR A 14 11.72 36.95 27.01
CA THR A 14 12.74 36.19 26.27
C THR A 14 12.19 35.58 24.99
N PHE A 15 10.87 35.59 24.80
CA PHE A 15 10.28 35.01 23.60
C PHE A 15 10.72 35.77 22.35
N THR A 16 11.01 35.04 21.29
CA THR A 16 11.47 35.61 20.03
C THR A 16 10.41 35.45 18.95
N ASN A 17 10.55 36.27 17.90
CA ASN A 17 9.65 36.24 16.75
C ASN A 17 8.19 36.38 17.18
N GLN A 18 7.94 37.27 18.14
CA GLN A 18 6.60 37.55 18.64
C GLN A 18 6.03 38.78 17.95
N THR A 19 4.70 38.80 17.84
CA THR A 19 3.97 39.91 17.26
C THR A 19 3.09 40.56 18.33
N SER A 20 2.48 41.69 17.94
CA SER A 20 1.54 42.38 18.83
C SER A 20 0.17 41.69 18.87
N SER A 21 -0.11 40.78 17.93
CA SER A 21 -1.35 40.02 17.94
C SER A 21 -1.34 38.90 18.98
N SER A 22 -0.16 38.51 19.46
CA SER A 22 -0.03 37.46 20.47
C SER A 22 -1.01 37.66 21.62
N LYS A 23 -1.74 36.60 21.96
CA LYS A 23 -2.69 36.63 23.07
C LYS A 23 -2.01 36.93 24.40
N LEU A 24 -0.69 36.93 24.46
CA LEU A 24 0.02 37.28 25.69
C LEU A 24 0.12 38.78 25.90
N SER A 25 -0.34 39.59 24.93
CA SER A 25 -0.41 41.03 25.12
C SER A 25 -1.23 41.42 26.34
N SER A 26 -2.07 40.51 26.85
CA SER A 26 -2.87 40.78 28.04
C SER A 26 -2.07 40.68 29.33
N TRP A 27 -0.80 40.26 29.26
CA TRP A 27 0.06 40.21 30.43
C TRP A 27 0.56 41.62 30.72
N VAL A 28 -0.32 42.42 31.35
CA VAL A 28 -0.03 43.81 31.70
C VAL A 28 -0.55 44.06 33.11
N ASN A 29 -0.03 45.14 33.72
CA ASN A 29 -0.38 45.52 35.08
C ASN A 29 -0.22 44.34 36.02
N PRO A 30 1.01 43.91 36.29
CA PRO A 30 1.19 42.75 37.17
C PRO A 30 0.60 42.94 38.56
N ASN A 31 0.59 44.17 39.07
CA ASN A 31 0.21 44.39 40.46
C ASN A 31 -1.28 44.15 40.69
N THR A 32 -2.13 44.31 39.68
CA THR A 32 -3.56 44.27 39.93
C THR A 32 -4.41 43.44 38.98
N SER A 33 -3.85 42.83 37.94
CA SER A 33 -4.72 42.10 37.03
C SER A 33 -4.15 40.74 36.65
N PHE A 34 -3.50 40.06 37.59
CA PHE A 34 -2.78 38.84 37.23
C PHE A 34 -3.70 37.64 37.25
N CYS A 35 -4.55 37.55 38.25
CA CYS A 35 -5.47 36.43 38.41
C CYS A 35 -6.81 36.66 37.73
N ARG A 36 -6.97 37.77 37.02
CA ARG A 36 -8.27 38.10 36.45
C ARG A 36 -8.26 38.33 34.94
N SER A 37 -7.13 38.72 34.36
CA SER A 37 -7.10 39.13 32.96
C SER A 37 -6.04 38.46 32.10
N TRP A 38 -4.99 37.87 32.69
CA TRP A 38 -3.91 37.32 31.89
C TRP A 38 -4.35 36.04 31.20
N TYR A 39 -4.13 35.98 29.89
CA TYR A 39 -4.51 34.81 29.12
C TYR A 39 -3.72 33.59 29.60
N GLY A 40 -4.42 32.48 29.81
CA GLY A 40 -3.80 31.25 30.23
C GLY A 40 -3.52 31.15 31.72
N VAL A 41 -3.70 32.22 32.47
CA VAL A 41 -3.38 32.25 33.90
C VAL A 41 -4.66 32.14 34.69
N SER A 42 -4.67 31.26 35.68
CA SER A 42 -5.79 31.08 36.58
C SER A 42 -5.24 30.75 37.96
N CYS A 43 -5.89 31.26 39.00
CA CYS A 43 -5.34 31.20 40.34
C CYS A 43 -6.35 30.64 41.33
N VAL A 44 -5.80 30.17 42.45
CA VAL A 44 -6.54 29.94 43.68
C VAL A 44 -5.86 30.76 44.78
N ARG A 45 -6.67 31.38 45.65
CA ARG A 45 -6.13 32.21 46.73
C ARG A 45 -5.10 33.21 46.20
N ASN A 46 -5.40 33.79 45.03
CA ASN A 46 -4.55 34.77 44.38
C ASN A 46 -3.15 34.23 44.08
N SER A 47 -3.02 32.93 43.78
CA SER A 47 -1.72 32.37 43.40
C SER A 47 -1.93 31.46 42.21
N ILE A 48 -1.09 31.60 41.19
CA ILE A 48 -1.32 30.87 39.94
C ILE A 48 -1.19 29.37 40.17
N ILE A 49 -2.20 28.63 39.71
CA ILE A 49 -2.19 27.18 39.77
C ILE A 49 -2.33 26.55 38.39
N ARG A 50 -2.68 27.33 37.37
CA ARG A 50 -3.00 26.81 36.04
C ARG A 50 -2.39 27.74 34.99
N LEU A 51 -1.47 27.21 34.20
CA LEU A 51 -0.84 27.94 33.11
C LEU A 51 -1.13 27.19 31.82
N ASN A 52 -2.11 27.66 31.06
CA ASN A 52 -2.55 27.04 29.82
C ASN A 52 -2.26 27.99 28.66
N LEU A 53 -1.08 27.85 28.06
CA LEU A 53 -0.70 28.68 26.92
C LEU A 53 -0.63 27.88 25.63
N THR A 54 -1.42 26.81 25.53
CA THR A 54 -1.38 25.99 24.33
C THR A 54 -1.77 26.80 23.10
N ASN A 55 -1.02 26.60 22.03
CA ASN A 55 -1.29 27.19 20.72
C ASN A 55 -1.37 28.72 20.79
N THR A 56 -0.34 29.33 21.38
CA THR A 56 -0.26 30.78 21.48
C THR A 56 0.94 31.35 20.74
N ASP A 57 1.53 30.58 19.83
CA ASP A 57 2.60 31.06 18.94
C ASP A 57 3.85 31.49 19.72
N ILE A 58 4.10 30.86 20.86
CA ILE A 58 5.27 31.20 21.66
C ILE A 58 6.49 30.53 21.06
N GLU A 59 7.56 31.30 20.88
CA GLU A 59 8.86 30.78 20.46
C GLU A 59 9.86 31.10 21.56
N GLY A 60 10.57 30.07 22.04
CA GLY A 60 11.49 30.27 23.13
C GLY A 60 11.89 28.92 23.73
N THR A 61 12.41 28.99 24.95
CA THR A 61 12.88 27.81 25.67
C THR A 61 12.38 27.86 27.11
N PHE A 62 12.75 26.83 27.88
CA PHE A 62 12.43 26.78 29.30
C PHE A 62 13.64 27.07 30.17
N GLN A 63 14.74 27.56 29.58
CA GLN A 63 15.94 27.82 30.36
C GLN A 63 15.69 28.85 31.45
N ASP A 64 15.00 29.93 31.10
CA ASP A 64 14.69 30.99 32.06
C ASP A 64 13.25 30.94 32.55
N PHE A 65 12.62 29.78 32.47
CA PHE A 65 11.31 29.61 33.06
C PHE A 65 11.41 29.80 34.57
N PRO A 66 10.51 30.57 35.17
CA PRO A 66 10.60 30.87 36.63
C PRO A 66 10.09 29.73 37.50
N PHE A 67 10.84 28.63 37.51
CA PHE A 67 10.44 27.44 38.27
C PHE A 67 10.20 27.78 39.73
N SER A 68 11.15 28.45 40.37
CA SER A 68 11.05 28.69 41.81
C SER A 68 9.94 29.67 42.15
N ALA A 69 9.56 30.55 41.22
CA ALA A 69 8.61 31.61 41.51
C ALA A 69 7.16 31.20 41.33
N LEU A 70 6.89 29.99 40.85
CA LEU A 70 5.53 29.48 40.67
C LEU A 70 5.36 28.16 41.41
N PRO A 71 5.49 28.17 42.74
CA PRO A 71 5.50 26.91 43.49
C PRO A 71 4.19 26.16 43.45
N ASN A 72 3.08 26.83 43.16
CA ASN A 72 1.75 26.25 43.32
C ASN A 72 1.15 25.77 41.99
N LEU A 73 1.95 25.71 40.92
CA LEU A 73 1.45 25.24 39.64
C LEU A 73 0.95 23.81 39.75
N SER A 74 -0.25 23.56 39.24
CA SER A 74 -0.80 22.21 39.20
C SER A 74 -1.25 21.78 37.82
N TYR A 75 -1.44 22.70 36.88
CA TYR A 75 -1.81 22.38 35.50
C TYR A 75 -0.90 23.18 34.57
N VAL A 76 -0.07 22.50 33.80
CA VAL A 76 0.83 23.15 32.84
C VAL A 76 0.58 22.54 31.48
N ASP A 77 0.00 23.34 30.57
CA ASP A 77 -0.19 22.95 29.17
C ASP A 77 0.51 24.01 28.33
N LEU A 78 1.68 23.66 27.82
CA LEU A 78 2.47 24.55 26.97
C LEU A 78 2.60 23.99 25.56
N SER A 79 1.60 23.24 25.12
CA SER A 79 1.71 22.47 23.90
C SER A 79 1.36 23.32 22.68
N MET A 80 1.60 22.74 21.51
CA MET A 80 1.35 23.37 20.22
C MET A 80 2.02 24.75 20.12
N ASN A 81 3.33 24.76 20.38
CA ASN A 81 4.10 25.99 20.38
C ASN A 81 5.41 25.74 19.66
N ARG A 82 6.32 26.71 19.75
CA ARG A 82 7.63 26.62 19.14
C ARG A 82 8.72 26.65 20.21
N PHE A 83 8.48 25.92 21.31
CA PHE A 83 9.49 25.79 22.35
C PHE A 83 10.61 24.87 21.87
N SER A 84 11.84 25.26 22.20
CA SER A 84 13.01 24.46 21.85
C SER A 84 13.88 24.23 23.07
N GLY A 85 15.06 23.63 22.88
CA GLY A 85 15.90 23.29 24.00
C GLY A 85 15.43 22.02 24.71
N THR A 86 15.81 21.91 25.96
CA THR A 86 15.59 20.70 26.75
C THR A 86 14.47 20.93 27.77
N ILE A 87 14.11 19.85 28.44
CA ILE A 87 13.18 19.90 29.56
C ILE A 87 14.01 19.96 30.83
N PRO A 88 14.11 21.13 31.50
CA PRO A 88 14.98 21.23 32.65
C PRO A 88 14.50 20.35 33.79
N PRO A 89 15.41 19.84 34.60
CA PRO A 89 15.02 19.01 35.75
C PRO A 89 14.15 19.75 36.75
N GLN A 90 14.17 21.08 36.76
CA GLN A 90 13.39 21.84 37.74
C GLN A 90 11.89 21.66 37.53
N PHE A 91 11.46 21.14 36.38
CA PHE A 91 10.05 20.81 36.21
C PHE A 91 9.60 19.78 37.25
N GLY A 92 10.54 19.02 37.81
CA GLY A 92 10.20 18.08 38.86
C GLY A 92 9.94 18.71 40.21
N ASP A 93 10.15 20.02 40.33
CA ASP A 93 9.96 20.73 41.59
C ASP A 93 8.52 21.17 41.83
N PHE A 94 7.63 21.04 40.83
CA PHE A 94 6.24 21.45 41.00
C PHE A 94 5.49 20.34 41.72
N SER A 95 5.59 20.37 43.06
CA SER A 95 5.09 19.26 43.87
C SER A 95 3.59 19.07 43.74
N LYS A 96 2.86 20.08 43.28
CA LYS A 96 1.41 20.01 43.16
C LYS A 96 0.97 19.71 41.74
N LEU A 97 1.91 19.44 40.83
CA LEU A 97 1.58 19.29 39.42
C LEU A 97 0.72 18.06 39.19
N ILE A 98 -0.43 18.25 38.56
CA ILE A 98 -1.34 17.17 38.22
C ILE A 98 -1.33 16.89 36.72
N TYR A 99 -1.25 17.93 35.89
CA TYR A 99 -1.30 17.81 34.45
C TYR A 99 -0.09 18.52 33.87
N PHE A 100 0.66 17.81 33.04
CA PHE A 100 1.92 18.31 32.49
C PHE A 100 1.96 18.00 31.00
N ASP A 101 1.95 19.05 30.16
CA ASP A 101 1.86 18.86 28.71
C ASP A 101 2.85 19.80 28.02
N LEU A 102 3.92 19.25 27.46
CA LEU A 102 4.83 19.98 26.59
C LEU A 102 4.79 19.47 25.15
N SER A 103 3.66 18.90 24.74
CA SER A 103 3.56 18.21 23.46
C SER A 103 3.60 19.18 22.29
N ILE A 104 3.88 18.62 21.10
CA ILE A 104 3.89 19.35 19.83
C ILE A 104 4.76 20.60 19.94
N ASN A 105 6.05 20.39 20.21
CA ASN A 105 7.03 21.45 20.29
C ASN A 105 8.27 20.97 19.56
N GLN A 106 9.37 21.70 19.71
CA GLN A 106 10.65 21.28 19.14
C GLN A 106 11.65 21.01 20.26
N LEU A 107 11.19 20.39 21.33
CA LEU A 107 12.06 20.05 22.45
C LEU A 107 12.99 18.91 22.09
N VAL A 108 14.22 18.97 22.61
CA VAL A 108 15.26 17.99 22.34
C VAL A 108 15.83 17.52 23.67
N GLY A 109 16.73 16.55 23.61
CA GLY A 109 17.35 16.04 24.81
C GLY A 109 16.49 15.01 25.50
N GLU A 110 16.96 14.58 26.67
CA GLU A 110 16.34 13.50 27.40
C GLU A 110 15.27 14.02 28.35
N ILE A 111 14.44 13.10 28.81
CA ILE A 111 13.44 13.39 29.83
C ILE A 111 14.16 13.38 31.18
N PRO A 112 14.15 14.48 31.94
CA PRO A 112 14.82 14.47 33.23
C PRO A 112 14.17 13.46 34.16
N SER A 113 15.01 12.69 34.85
CA SER A 113 14.46 11.72 35.81
C SER A 113 13.75 12.40 36.96
N GLU A 114 13.97 13.70 37.15
CA GLU A 114 13.32 14.45 38.22
C GLU A 114 11.80 14.49 38.07
N LEU A 115 11.25 14.13 36.90
CA LEU A 115 9.80 14.01 36.76
C LEU A 115 9.23 12.99 37.74
N GLY A 116 10.04 12.03 38.18
CA GLY A 116 9.61 11.07 39.19
C GLY A 116 9.38 11.68 40.55
N LYS A 117 9.75 12.95 40.74
CA LYS A 117 9.41 13.67 41.95
C LYS A 117 7.96 14.15 41.97
N LEU A 118 7.29 14.14 40.81
CA LEU A 118 5.96 14.75 40.64
C LEU A 118 4.88 13.76 41.10
N SER A 119 4.89 13.52 42.42
CA SER A 119 4.07 12.46 43.00
C SER A 119 2.56 12.70 42.83
N ASN A 120 2.15 13.91 42.47
CA ASN A 120 0.73 14.19 42.24
C ASN A 120 0.33 14.11 40.78
N LEU A 121 1.26 13.77 39.88
CA LEU A 121 0.97 13.81 38.46
C LEU A 121 -0.03 12.72 38.08
N GLU A 122 -1.02 13.08 37.28
CA GLU A 122 -1.97 12.11 36.75
C GLU A 122 -1.94 12.00 35.24
N THR A 123 -1.43 13.01 34.54
CA THR A 123 -1.34 12.98 33.08
C THR A 123 0.00 13.56 32.66
N LEU A 124 0.77 12.80 31.88
CA LEU A 124 2.04 13.24 31.33
C LEU A 124 1.97 13.20 29.82
N HIS A 125 2.14 14.37 29.18
CA HIS A 125 2.08 14.49 27.72
C HIS A 125 3.33 15.16 27.21
N LEU A 126 4.10 14.44 26.40
CA LEU A 126 5.32 14.98 25.79
C LEU A 126 5.44 14.57 24.33
N VAL A 127 4.31 14.39 23.65
CA VAL A 127 4.33 13.78 22.31
C VAL A 127 4.81 14.80 21.28
N GLU A 128 5.28 14.26 20.15
CA GLU A 128 5.66 15.04 18.97
C GLU A 128 6.72 16.09 19.30
N ASN A 129 7.81 15.61 19.90
CA ASN A 129 9.04 16.35 20.13
C ASN A 129 10.18 15.52 19.55
N LYS A 130 11.41 15.91 19.81
CA LYS A 130 12.56 15.11 19.40
C LYS A 130 13.34 14.62 20.62
N LEU A 131 12.61 14.21 21.67
CA LEU A 131 13.24 13.75 22.90
C LEU A 131 13.92 12.39 22.68
N ASN A 132 15.20 12.31 23.03
CA ASN A 132 16.01 11.11 22.88
C ASN A 132 16.37 10.53 24.24
N GLY A 133 17.19 9.48 24.23
CA GLY A 133 17.60 8.80 25.44
C GLY A 133 16.53 7.84 25.95
N SER A 134 16.77 7.33 27.16
CA SER A 134 15.87 6.35 27.74
C SER A 134 14.79 7.04 28.57
N ILE A 135 13.65 6.35 28.68
CA ILE A 135 12.57 6.81 29.55
C ILE A 135 13.04 6.60 30.99
N PRO A 136 13.05 7.65 31.81
CA PRO A 136 13.52 7.49 33.19
C PRO A 136 12.70 6.47 33.96
N SER A 137 13.40 5.61 34.70
CA SER A 137 12.70 4.59 35.47
C SER A 137 11.94 5.19 36.65
N GLU A 138 12.29 6.40 37.07
CA GLU A 138 11.64 7.02 38.21
C GLU A 138 10.22 7.46 37.89
N ILE A 139 9.86 7.53 36.60
CA ILE A 139 8.47 7.81 36.23
C ILE A 139 7.57 6.71 36.77
N GLY A 140 8.11 5.51 37.00
CA GLY A 140 7.36 4.45 37.64
C GLY A 140 6.94 4.76 39.07
N ARG A 141 7.46 5.83 39.67
CA ARG A 141 7.04 6.21 41.02
C ARG A 141 5.70 6.92 41.04
N LEU A 142 5.22 7.42 39.90
CA LEU A 142 4.08 8.33 39.86
C LEU A 142 2.79 7.51 39.83
N THR A 143 2.45 6.97 41.00
CA THR A 143 1.41 5.95 41.06
C THR A 143 0.01 6.51 40.84
N LYS A 144 -0.16 7.83 40.86
CA LYS A 144 -1.44 8.40 40.47
C LYS A 144 -1.57 8.56 38.96
N LEU A 145 -0.55 8.21 38.18
CA LEU A 145 -0.60 8.40 36.74
C LEU A 145 -1.77 7.63 36.13
N HIS A 146 -2.60 8.35 35.37
CA HIS A 146 -3.69 7.76 34.63
C HIS A 146 -3.34 7.49 33.17
N GLU A 147 -2.50 8.34 32.59
CA GLU A 147 -2.18 8.25 31.17
C GLU A 147 -0.79 8.82 30.93
N ILE A 148 0.03 8.09 30.18
CA ILE A 148 1.33 8.55 29.73
C ILE A 148 1.31 8.56 28.21
N ALA A 149 1.61 9.71 27.62
CA ALA A 149 1.71 9.84 26.17
C ALA A 149 3.08 10.42 25.86
N LEU A 150 4.00 9.55 25.40
CA LEU A 150 5.33 9.94 24.98
C LEU A 150 5.57 9.66 23.51
N TYR A 151 4.51 9.53 22.71
CA TYR A 151 4.68 9.01 21.37
C TYR A 151 5.25 10.06 20.43
N ASP A 152 5.76 9.58 19.28
CA ASP A 152 6.34 10.44 18.25
C ASP A 152 7.51 11.26 18.81
N ASN A 153 8.54 10.54 19.23
CA ASN A 153 9.78 11.11 19.75
C ASN A 153 10.93 10.29 19.21
N LEU A 154 12.12 10.50 19.76
CA LEU A 154 13.31 9.72 19.41
C LEU A 154 13.81 8.91 20.60
N LEU A 155 12.90 8.43 21.44
CA LEU A 155 13.28 7.71 22.64
C LEU A 155 13.86 6.34 22.30
N THR A 156 14.89 5.95 23.02
CA THR A 156 15.52 4.64 22.87
C THR A 156 15.49 3.92 24.21
N GLY A 157 16.14 2.76 24.26
CA GLY A 157 16.19 1.97 25.47
C GLY A 157 14.92 1.18 25.72
N PRO A 158 14.95 0.36 26.77
CA PRO A 158 13.78 -0.44 27.10
C PRO A 158 12.71 0.35 27.83
N ILE A 159 11.50 -0.17 27.78
CA ILE A 159 10.44 0.35 28.65
C ILE A 159 10.79 0.00 30.09
N PRO A 160 10.82 0.96 31.00
CA PRO A 160 11.25 0.65 32.37
C PRO A 160 10.32 -0.37 33.01
N SER A 161 10.91 -1.36 33.68
CA SER A 161 10.09 -2.34 34.37
C SER A 161 9.34 -1.73 35.55
N SER A 162 9.78 -0.57 36.03
CA SER A 162 9.05 0.13 37.09
C SER A 162 7.67 0.56 36.64
N PHE A 163 7.43 0.62 35.32
CA PHE A 163 6.11 1.01 34.84
C PHE A 163 5.03 0.03 35.29
N GLY A 164 5.40 -1.19 35.64
CA GLY A 164 4.45 -2.13 36.22
C GLY A 164 3.92 -1.70 37.57
N ASN A 165 4.60 -0.76 38.22
CA ASN A 165 4.18 -0.22 39.51
C ASN A 165 3.10 0.85 39.39
N LEU A 166 2.73 1.25 38.18
CA LEU A 166 1.74 2.31 37.97
C LEU A 166 0.35 1.69 37.97
N THR A 167 -0.15 1.42 39.18
CA THR A 167 -1.35 0.61 39.35
C THR A 167 -2.62 1.30 38.86
N ASN A 168 -2.57 2.61 38.60
CA ASN A 168 -3.74 3.34 38.11
C ASN A 168 -3.64 3.72 36.64
N LEU A 169 -2.54 3.38 35.98
CA LEU A 169 -2.37 3.73 34.58
C LEU A 169 -3.48 3.07 33.75
N ALA A 170 -4.11 3.88 32.90
CA ALA A 170 -5.13 3.40 31.97
C ALA A 170 -4.65 3.39 30.53
N ASN A 171 -3.85 4.37 30.13
CA ASN A 171 -3.39 4.52 28.76
C ASN A 171 -1.88 4.68 28.74
N LEU A 172 -1.21 3.85 27.95
CA LEU A 172 0.23 3.93 27.74
C LEU A 172 0.46 4.08 26.24
N TYR A 173 0.88 5.28 25.83
CA TYR A 173 1.13 5.60 24.43
C TYR A 173 2.61 5.90 24.24
N LEU A 174 3.34 4.95 23.65
CA LEU A 174 4.77 5.12 23.42
C LEU A 174 5.15 4.88 21.96
N PHE A 175 4.18 4.89 21.06
CA PHE A 175 4.42 4.51 19.68
C PHE A 175 5.21 5.59 18.95
N ILE A 176 5.72 5.21 17.78
CA ILE A 176 6.62 6.06 16.99
C ILE A 176 7.79 6.50 17.85
N ASN A 177 8.62 5.55 18.26
CA ASN A 177 9.86 5.81 18.95
C ASN A 177 10.87 4.76 18.51
N SER A 178 11.99 4.69 19.20
CA SER A 178 12.99 3.65 18.94
C SER A 178 13.24 2.83 20.20
N LEU A 179 12.18 2.57 20.96
CA LEU A 179 12.31 1.73 22.15
C LEU A 179 12.75 0.33 21.76
N SER A 180 13.56 -0.28 22.62
CA SER A 180 14.26 -1.51 22.29
C SER A 180 14.17 -2.46 23.47
N GLY A 181 14.93 -3.54 23.38
CA GLY A 181 14.95 -4.54 24.43
C GLY A 181 13.64 -5.28 24.49
N PRO A 182 13.53 -6.19 25.45
CA PRO A 182 12.27 -6.92 25.62
C PRO A 182 11.25 -6.12 26.39
N ILE A 183 9.98 -6.33 26.04
CA ILE A 183 8.87 -5.76 26.80
C ILE A 183 8.96 -6.32 28.22
N PRO A 184 9.05 -5.47 29.24
CA PRO A 184 9.15 -5.98 30.61
C PRO A 184 7.88 -6.70 31.02
N PRO A 185 8.01 -7.92 31.55
CA PRO A 185 6.82 -8.68 31.94
C PRO A 185 6.02 -8.02 33.04
N GLU A 186 6.63 -7.08 33.78
CA GLU A 186 5.91 -6.40 34.85
C GLU A 186 4.73 -5.58 34.32
N LEU A 187 4.68 -5.31 33.01
CA LEU A 187 3.54 -4.61 32.45
C LEU A 187 2.23 -5.36 32.69
N GLY A 188 2.30 -6.67 32.92
CA GLY A 188 1.11 -7.44 33.22
C GLY A 188 0.48 -7.12 34.56
N ASN A 189 1.17 -6.37 35.41
CA ASN A 189 0.59 -5.93 36.68
C ASN A 189 -0.31 -4.71 36.53
N LEU A 190 -0.37 -4.11 35.34
CA LEU A 190 -1.16 -2.90 35.12
C LEU A 190 -2.63 -3.29 34.96
N SER A 191 -3.26 -3.58 36.09
CA SER A 191 -4.62 -4.11 36.05
C SER A 191 -5.65 -3.06 35.63
N SER A 192 -5.31 -1.78 35.73
CA SER A 192 -6.20 -0.74 35.25
C SER A 192 -5.97 -0.39 33.78
N LEU A 193 -4.96 -0.97 33.15
CA LEU A 193 -4.63 -0.64 31.77
C LEU A 193 -5.80 -0.92 30.84
N ALA A 194 -6.10 0.04 29.98
CA ALA A 194 -7.14 -0.09 28.97
C ALA A 194 -6.59 -0.05 27.55
N GLU A 195 -5.57 0.76 27.31
CA GLU A 195 -4.99 0.92 25.99
C GLU A 195 -3.47 0.87 26.12
N LEU A 196 -2.86 -0.05 25.40
CA LEU A 196 -1.41 -0.24 25.41
C LEU A 196 -0.93 -0.14 23.97
N CYS A 197 -0.31 0.97 23.63
CA CYS A 197 0.12 1.26 22.27
C CYS A 197 1.64 1.41 22.24
N LEU A 198 2.34 0.31 21.97
CA LEU A 198 3.79 0.29 21.84
C LEU A 198 4.24 0.14 20.39
N ASP A 199 3.33 0.26 19.45
CA ASP A 199 3.61 -0.01 18.04
C ASP A 199 4.68 0.95 17.50
N ARG A 200 5.19 0.60 16.31
CA ARG A 200 6.15 1.42 15.58
C ARG A 200 7.35 1.78 16.47
N ASN A 201 7.92 0.74 17.08
CA ASN A 201 9.15 0.84 17.83
C ASN A 201 10.12 -0.22 17.32
N LYS A 202 11.24 -0.41 18.01
CA LYS A 202 12.17 -1.50 17.70
C LYS A 202 12.21 -2.51 18.84
N LEU A 203 11.05 -2.77 19.43
CA LEU A 203 10.96 -3.73 20.53
C LEU A 203 11.31 -5.13 20.04
N THR A 204 12.10 -5.85 20.83
CA THR A 204 12.48 -7.22 20.52
C THR A 204 11.98 -8.15 21.64
N GLY A 205 12.34 -9.42 21.53
CA GLY A 205 11.97 -10.39 22.55
C GLY A 205 10.58 -10.94 22.36
N GLN A 206 10.12 -11.68 23.36
CA GLN A 206 8.81 -12.30 23.34
C GLN A 206 7.75 -11.38 23.95
N ILE A 207 6.53 -11.48 23.44
CA ILE A 207 5.36 -10.90 24.10
C ILE A 207 5.24 -11.57 25.46
N PRO A 208 5.28 -10.83 26.57
CA PRO A 208 5.27 -11.46 27.89
C PRO A 208 4.00 -12.27 28.11
N SER A 209 4.17 -13.46 28.69
CA SER A 209 3.00 -14.30 28.97
C SER A 209 2.15 -13.75 30.10
N SER A 210 2.67 -12.78 30.85
CA SER A 210 1.89 -12.11 31.88
C SER A 210 0.82 -11.18 31.31
N PHE A 211 0.85 -10.91 30.00
CA PHE A 211 -0.18 -10.06 29.40
C PHE A 211 -1.58 -10.64 29.59
N GLY A 212 -1.69 -11.95 29.84
CA GLY A 212 -2.98 -12.55 30.09
C GLY A 212 -3.66 -12.05 31.34
N LYS A 213 -2.93 -11.33 32.19
CA LYS A 213 -3.52 -10.76 33.39
C LYS A 213 -4.10 -9.37 33.16
N LEU A 214 -3.87 -8.78 31.98
CA LEU A 214 -4.44 -7.47 31.63
C LEU A 214 -5.90 -7.65 31.22
N LYS A 215 -6.75 -7.85 32.22
CA LYS A 215 -8.16 -8.14 31.96
C LYS A 215 -8.96 -6.92 31.52
N ASN A 216 -8.38 -5.72 31.56
CA ASN A 216 -9.13 -4.51 31.24
C ASN A 216 -8.64 -3.83 29.97
N VAL A 217 -7.67 -4.39 29.27
CA VAL A 217 -7.12 -3.78 28.06
C VAL A 217 -8.07 -4.03 26.89
N THR A 218 -8.53 -2.96 26.26
CA THR A 218 -9.37 -3.06 25.06
C THR A 218 -8.61 -2.90 23.76
N LEU A 219 -7.49 -2.16 23.79
CA LEU A 219 -6.68 -1.90 22.61
C LEU A 219 -5.25 -2.32 22.91
N LEU A 220 -4.76 -3.33 22.19
CA LEU A 220 -3.34 -3.73 22.26
C LEU A 220 -2.74 -3.54 20.87
N ASN A 221 -1.98 -2.47 20.69
CA ASN A 221 -1.26 -2.19 19.45
C ASN A 221 0.23 -2.37 19.69
N MET A 222 0.81 -3.39 19.04
CA MET A 222 2.25 -3.62 19.10
C MET A 222 2.83 -3.88 17.71
N PHE A 223 2.13 -3.46 16.66
CA PHE A 223 2.55 -3.73 15.30
C PHE A 223 3.81 -2.94 14.96
N GLU A 224 4.45 -3.34 13.86
CA GLU A 224 5.66 -2.68 13.35
C GLU A 224 6.73 -2.58 14.43
N ASN A 225 7.04 -3.73 15.02
CA ASN A 225 8.13 -3.92 15.97
C ASN A 225 8.97 -5.08 15.46
N ASN A 226 9.93 -5.54 16.27
CA ASN A 226 10.73 -6.71 15.90
C ASN A 226 10.59 -7.82 16.94
N LEU A 227 9.35 -8.05 17.40
CA LEU A 227 9.10 -9.09 18.38
C LEU A 227 9.28 -10.48 17.77
N THR A 228 9.85 -11.38 18.56
CA THR A 228 10.11 -12.76 18.17
C THR A 228 9.35 -13.71 19.09
N GLY A 229 9.58 -15.01 18.91
CA GLY A 229 8.85 -16.02 19.67
C GLY A 229 7.45 -16.23 19.15
N GLU A 230 6.60 -16.74 20.03
CA GLU A 230 5.22 -17.09 19.68
C GLU A 230 4.24 -16.17 20.38
N ILE A 231 3.05 -16.06 19.79
CA ILE A 231 1.92 -15.41 20.44
C ILE A 231 1.52 -16.30 21.61
N PRO A 232 1.76 -15.88 22.85
CA PRO A 232 1.46 -16.74 24.00
C PRO A 232 -0.04 -16.97 24.09
N PRO A 233 -0.47 -18.18 24.44
CA PRO A 233 -1.91 -18.42 24.57
C PRO A 233 -2.56 -17.55 25.62
N GLU A 234 -1.78 -17.01 26.56
CA GLU A 234 -2.31 -16.13 27.59
C GLU A 234 -2.94 -14.86 27.00
N ILE A 235 -2.57 -14.51 25.77
CA ILE A 235 -3.23 -13.37 25.12
C ILE A 235 -4.73 -13.58 25.05
N GLY A 236 -5.16 -14.84 24.96
CA GLY A 236 -6.58 -15.15 24.93
C GLY A 236 -7.30 -14.90 26.24
N ASP A 237 -6.57 -14.56 27.30
CA ASP A 237 -7.19 -14.22 28.58
C ASP A 237 -7.46 -12.73 28.72
N MET A 238 -7.00 -11.90 27.78
CA MET A 238 -7.31 -10.47 27.79
C MET A 238 -8.72 -10.29 27.26
N SER A 239 -9.69 -10.54 28.14
CA SER A 239 -11.08 -10.67 27.74
C SER A 239 -11.67 -9.37 27.23
N ALA A 240 -11.14 -8.22 27.63
CA ALA A 240 -11.71 -6.95 27.21
C ALA A 240 -11.23 -6.52 25.83
N LEU A 241 -10.34 -7.29 25.21
CA LEU A 241 -9.70 -6.87 23.98
C LEU A 241 -10.73 -6.65 22.88
N ASP A 242 -10.61 -5.50 22.21
CA ASP A 242 -11.43 -5.14 21.07
C ASP A 242 -10.62 -5.09 19.79
N THR A 243 -9.39 -4.58 19.88
CA THR A 243 -8.45 -4.51 18.77
C THR A 243 -7.13 -5.11 19.21
N LEU A 244 -6.63 -6.09 18.45
CA LEU A 244 -5.34 -6.71 18.72
C LEU A 244 -4.51 -6.66 17.45
N SER A 245 -3.48 -5.82 17.42
CA SER A 245 -2.63 -5.64 16.25
C SER A 245 -1.20 -6.03 16.59
N LEU A 246 -0.71 -7.08 15.95
CA LEU A 246 0.67 -7.54 16.11
C LEU A 246 1.38 -7.62 14.75
N HIS A 247 0.85 -6.95 13.73
CA HIS A 247 1.36 -7.12 12.39
C HIS A 247 2.74 -6.52 12.21
N THR A 248 3.41 -6.92 11.15
CA THR A 248 4.78 -6.48 10.82
C THR A 248 5.73 -6.67 12.01
N ASN A 249 5.81 -7.92 12.44
CA ASN A 249 6.74 -8.35 13.48
C ASN A 249 7.49 -9.58 12.99
N ASN A 250 8.27 -10.22 13.85
CA ASN A 250 8.96 -11.45 13.48
C ASN A 250 8.51 -12.61 14.37
N LEU A 251 7.21 -12.68 14.62
CA LEU A 251 6.63 -13.73 15.45
C LEU A 251 6.63 -15.06 14.70
N THR A 252 6.80 -16.15 15.46
CA THR A 252 6.78 -17.49 14.89
C THR A 252 5.82 -18.38 15.67
N GLY A 253 5.80 -19.67 15.36
CA GLY A 253 4.90 -20.59 16.02
C GLY A 253 3.49 -20.51 15.48
N SER A 254 2.58 -21.16 16.20
CA SER A 254 1.18 -21.26 15.79
C SER A 254 0.34 -20.14 16.42
N ILE A 255 -0.80 -19.89 15.80
CA ILE A 255 -1.79 -19.00 16.40
C ILE A 255 -2.47 -19.75 17.55
N PRO A 256 -2.49 -19.21 18.76
CA PRO A 256 -3.11 -19.96 19.86
C PRO A 256 -4.61 -20.06 19.67
N SER A 257 -5.14 -21.26 19.97
CA SER A 257 -6.59 -21.44 19.93
C SER A 257 -7.31 -20.55 20.93
N SER A 258 -6.62 -20.11 21.99
CA SER A 258 -7.26 -19.29 23.01
C SER A 258 -7.76 -17.95 22.48
N LEU A 259 -7.30 -17.54 21.29
CA LEU A 259 -7.81 -16.30 20.69
C LEU A 259 -9.32 -16.37 20.48
N GLY A 260 -9.87 -17.58 20.31
CA GLY A 260 -11.30 -17.76 20.21
C GLY A 260 -12.06 -17.42 21.48
N ASN A 261 -11.36 -17.24 22.59
CA ASN A 261 -12.01 -16.83 23.85
C ASN A 261 -12.21 -15.33 23.94
N LEU A 262 -11.71 -14.55 22.97
CA LEU A 262 -11.83 -13.09 23.00
C LEU A 262 -13.16 -12.71 22.35
N LYS A 263 -14.21 -12.74 23.18
CA LYS A 263 -15.58 -12.53 22.70
C LYS A 263 -15.87 -11.10 22.28
N ASN A 264 -14.97 -10.15 22.56
CA ASN A 264 -15.18 -8.77 22.18
C ASN A 264 -14.23 -8.30 21.09
N LEU A 265 -13.44 -9.20 20.53
CA LEU A 265 -12.43 -8.81 19.56
C LEU A 265 -13.09 -8.54 18.21
N ALA A 266 -13.00 -7.30 17.74
CA ALA A 266 -13.53 -6.93 16.43
C ALA A 266 -12.46 -6.85 15.36
N ILE A 267 -11.23 -6.48 15.74
CA ILE A 267 -10.12 -6.31 14.82
C ILE A 267 -8.97 -7.18 15.30
N LEU A 268 -8.43 -7.99 14.40
CA LEU A 268 -7.25 -8.80 14.69
C LEU A 268 -6.30 -8.67 13.50
N HIS A 269 -5.14 -8.08 13.74
CA HIS A 269 -4.13 -7.88 12.71
C HIS A 269 -2.88 -8.67 13.09
N LEU A 270 -2.65 -9.76 12.37
CA LEU A 270 -1.45 -10.58 12.58
C LEU A 270 -0.62 -10.68 11.32
N TYR A 271 -0.89 -9.85 10.32
CA TYR A 271 -0.25 -10.03 9.02
C TYR A 271 1.22 -9.65 9.08
N LEU A 272 1.96 -10.10 8.06
CA LEU A 272 3.40 -9.83 7.95
C LEU A 272 4.16 -10.35 9.17
N ASN A 273 4.02 -11.65 9.40
CA ASN A 273 4.78 -12.36 10.42
C ASN A 273 5.25 -13.67 9.81
N LYS A 274 5.81 -14.54 10.64
CA LYS A 274 6.24 -15.87 10.22
C LYS A 274 5.45 -16.95 10.97
N LEU A 275 4.15 -16.73 11.15
CA LEU A 275 3.30 -17.70 11.82
C LEU A 275 3.14 -18.96 10.98
N THR A 276 3.14 -20.11 11.65
CA THR A 276 3.08 -21.42 11.00
C THR A 276 1.93 -22.22 11.57
N GLY A 277 1.79 -23.45 11.09
CA GLY A 277 0.73 -24.33 11.55
C GLY A 277 -0.62 -24.01 10.93
N SER A 278 -1.63 -24.70 11.44
CA SER A 278 -3.00 -24.50 11.01
C SER A 278 -3.66 -23.36 11.76
N ILE A 279 -4.68 -22.77 11.15
CA ILE A 279 -5.57 -21.85 11.83
C ILE A 279 -6.44 -22.67 12.77
N PRO A 280 -6.39 -22.44 14.08
CA PRO A 280 -7.21 -23.24 15.00
C PRO A 280 -8.69 -23.13 14.68
N GLU A 281 -9.41 -24.23 14.91
CA GLU A 281 -10.86 -24.23 14.70
C GLU A 281 -11.54 -23.20 15.59
N GLU A 282 -10.95 -22.92 16.76
CA GLU A 282 -11.57 -22.03 17.74
C GLU A 282 -11.57 -20.57 17.28
N LEU A 283 -10.84 -20.25 16.22
CA LEU A 283 -10.86 -18.89 15.69
C LEU A 283 -12.26 -18.51 15.21
N GLY A 284 -13.12 -19.50 14.94
CA GLY A 284 -14.48 -19.24 14.52
C GLY A 284 -15.38 -18.73 15.62
N ASP A 285 -14.96 -18.84 16.88
CA ASP A 285 -15.74 -18.43 18.03
C ASP A 285 -15.51 -16.96 18.42
N MET A 286 -14.81 -16.19 17.60
CA MET A 286 -14.67 -14.74 17.82
C MET A 286 -15.91 -14.06 17.24
N GLU A 287 -17.00 -14.15 17.98
CA GLU A 287 -18.31 -13.74 17.48
C GLU A 287 -18.38 -12.27 17.10
N THR A 288 -17.51 -11.44 17.66
CA THR A 288 -17.52 -10.01 17.38
C THR A 288 -16.67 -9.66 16.17
N MET A 289 -15.90 -10.62 15.66
CA MET A 289 -14.83 -10.29 14.73
C MET A 289 -15.35 -9.64 13.46
N ILE A 290 -14.78 -8.49 13.13
CA ILE A 290 -15.13 -7.72 11.94
C ILE A 290 -14.04 -7.80 10.89
N ASP A 291 -12.78 -7.64 11.30
CA ASP A 291 -11.66 -7.39 10.40
C ASP A 291 -10.52 -8.33 10.81
N LEU A 292 -10.46 -9.49 10.16
CA LEU A 292 -9.48 -10.53 10.46
C LEU A 292 -8.43 -10.57 9.36
N GLU A 293 -7.18 -10.26 9.71
CA GLU A 293 -6.07 -10.18 8.77
C GLU A 293 -4.89 -10.96 9.32
N ILE A 294 -4.70 -12.18 8.81
CA ILE A 294 -3.53 -12.99 9.13
C ILE A 294 -2.77 -13.31 7.84
N SER A 295 -2.87 -12.41 6.87
CA SER A 295 -2.22 -12.61 5.58
C SER A 295 -0.70 -12.45 5.73
N GLU A 296 0.03 -12.87 4.69
CA GLU A 296 1.49 -12.79 4.65
C GLU A 296 2.12 -13.49 5.85
N ASN A 297 1.86 -14.79 5.94
CA ASN A 297 2.43 -15.65 6.98
C ASN A 297 2.79 -16.97 6.33
N LYS A 298 3.11 -17.97 7.14
CA LYS A 298 3.45 -19.30 6.66
C LYS A 298 2.44 -20.34 7.16
N LEU A 299 1.19 -19.92 7.35
CA LEU A 299 0.16 -20.83 7.83
C LEU A 299 -0.11 -21.92 6.80
N THR A 300 -0.41 -23.12 7.29
CA THR A 300 -0.64 -24.28 6.44
C THR A 300 -1.98 -24.90 6.81
N GLY A 301 -2.32 -26.00 6.12
CA GLY A 301 -3.55 -26.70 6.36
C GLY A 301 -4.76 -25.98 5.84
N PRO A 302 -5.94 -26.55 6.09
CA PRO A 302 -7.18 -25.94 5.62
C PRO A 302 -7.65 -24.82 6.53
N VAL A 303 -8.48 -23.95 5.95
CA VAL A 303 -9.21 -22.96 6.74
C VAL A 303 -10.37 -23.65 7.45
N PRO A 304 -10.55 -23.46 8.75
CA PRO A 304 -11.60 -24.19 9.47
C PRO A 304 -12.99 -23.84 8.96
N GLY A 305 -13.84 -24.86 8.88
CA GLY A 305 -15.23 -24.63 8.53
C GLY A 305 -16.01 -23.86 9.57
N SER A 306 -15.47 -23.72 10.78
CA SER A 306 -16.10 -22.93 11.82
C SER A 306 -16.14 -21.44 11.49
N PHE A 307 -15.42 -21.00 10.46
CA PHE A 307 -15.44 -19.58 10.10
C PHE A 307 -16.83 -19.11 9.69
N GLY A 308 -17.75 -20.04 9.39
CA GLY A 308 -19.14 -19.67 9.15
C GLY A 308 -19.84 -19.10 10.37
N LYS A 309 -19.26 -19.25 11.55
CA LYS A 309 -19.81 -18.70 12.79
C LYS A 309 -19.49 -17.22 12.97
N LEU A 310 -18.58 -16.65 12.16
CA LEU A 310 -18.20 -15.25 12.27
C LEU A 310 -19.21 -14.41 11.50
N THR A 311 -20.36 -14.18 12.12
CA THR A 311 -21.51 -13.55 11.48
C THR A 311 -21.33 -12.06 11.26
N LYS A 312 -20.34 -11.43 11.90
CA LYS A 312 -20.07 -10.02 11.70
C LYS A 312 -18.84 -9.79 10.84
N LEU A 313 -18.29 -10.85 10.24
CA LEU A 313 -17.08 -10.75 9.44
C LEU A 313 -17.30 -9.86 8.24
N GLU A 314 -16.47 -8.83 8.10
CA GLU A 314 -16.50 -7.92 6.96
C GLU A 314 -15.28 -8.07 6.08
N TRP A 315 -14.08 -8.06 6.66
CA TRP A 315 -12.82 -8.21 5.94
C TRP A 315 -12.13 -9.49 6.40
N LEU A 316 -11.71 -10.32 5.45
CA LEU A 316 -10.94 -11.53 5.74
C LEU A 316 -9.73 -11.55 4.81
N PHE A 317 -8.55 -11.33 5.38
CA PHE A 317 -7.29 -11.31 4.64
C PHE A 317 -6.50 -12.56 4.99
N LEU A 318 -6.46 -13.52 4.08
CA LEU A 318 -5.64 -14.72 4.25
C LEU A 318 -4.60 -14.87 3.15
N ARG A 319 -4.33 -13.81 2.38
CA ARG A 319 -3.45 -13.91 1.22
C ARG A 319 -2.02 -14.23 1.65
N ASP A 320 -1.26 -14.79 0.71
CA ASP A 320 0.18 -15.07 0.88
C ASP A 320 0.46 -15.96 2.08
N ASN A 321 -0.11 -17.17 2.02
CA ASN A 321 0.14 -18.20 3.02
C ASN A 321 0.33 -19.51 2.26
N HIS A 322 0.38 -20.61 3.01
CA HIS A 322 0.43 -21.95 2.43
C HIS A 322 -0.85 -22.73 2.74
N LEU A 323 -1.97 -22.03 2.87
CA LEU A 323 -3.24 -22.68 3.15
C LEU A 323 -3.61 -23.60 2.00
N SER A 324 -4.21 -24.74 2.34
CA SER A 324 -4.47 -25.79 1.36
C SER A 324 -5.87 -26.34 1.57
N GLY A 325 -6.21 -27.34 0.75
CA GLY A 325 -7.51 -27.97 0.82
C GLY A 325 -8.58 -27.16 0.14
N PRO A 326 -9.81 -27.65 0.17
CA PRO A 326 -10.93 -26.89 -0.41
C PRO A 326 -11.33 -25.73 0.49
N ILE A 327 -11.84 -24.69 -0.16
CA ILE A 327 -12.35 -23.50 0.53
C ILE A 327 -13.70 -23.84 1.15
N PRO A 328 -13.84 -23.79 2.48
CA PRO A 328 -15.11 -24.16 3.09
C PRO A 328 -16.17 -23.11 2.81
N PRO A 329 -17.44 -23.52 2.71
CA PRO A 329 -18.51 -22.53 2.43
C PRO A 329 -18.64 -21.46 3.50
N GLY A 330 -18.28 -21.77 4.75
CA GLY A 330 -18.44 -20.81 5.83
C GLY A 330 -17.51 -19.62 5.73
N ILE A 331 -16.43 -19.73 4.95
CA ILE A 331 -15.48 -18.63 4.81
C ILE A 331 -16.13 -17.42 4.17
N ALA A 332 -17.20 -17.62 3.39
CA ALA A 332 -17.85 -16.54 2.66
C ALA A 332 -19.33 -16.42 3.02
N ASN A 333 -19.75 -16.98 4.16
CA ASN A 333 -21.16 -17.08 4.52
C ASN A 333 -21.69 -15.85 5.24
N SER A 334 -20.84 -14.91 5.63
CA SER A 334 -21.32 -13.75 6.38
C SER A 334 -22.06 -12.80 5.46
N SER A 335 -23.22 -12.32 5.90
CA SER A 335 -24.04 -11.41 5.11
C SER A 335 -23.38 -10.05 4.91
N VAL A 336 -22.35 -9.72 5.69
CA VAL A 336 -21.70 -8.42 5.62
C VAL A 336 -20.27 -8.52 5.09
N LEU A 337 -19.81 -9.71 4.74
CA LEU A 337 -18.49 -9.88 4.15
C LEU A 337 -18.37 -9.12 2.83
N THR A 338 -17.49 -8.11 2.80
CA THR A 338 -17.28 -7.31 1.60
C THR A 338 -15.92 -7.54 0.95
N VAL A 339 -14.94 -8.05 1.68
CA VAL A 339 -13.60 -8.26 1.14
C VAL A 339 -13.15 -9.66 1.53
N LEU A 340 -12.79 -10.47 0.53
CA LEU A 340 -12.36 -11.85 0.75
C LEU A 340 -11.06 -12.04 -0.02
N GLN A 341 -9.93 -11.95 0.67
CA GLN A 341 -8.61 -12.07 0.07
C GLN A 341 -8.05 -13.46 0.33
N LEU A 342 -7.87 -14.24 -0.74
CA LEU A 342 -7.39 -15.61 -0.61
C LEU A 342 -6.28 -15.92 -1.59
N ASP A 343 -5.76 -14.93 -2.29
CA ASP A 343 -4.78 -15.19 -3.33
C ASP A 343 -3.46 -15.64 -2.72
N THR A 344 -2.62 -16.23 -3.57
CA THR A 344 -1.29 -16.71 -3.20
C THR A 344 -1.36 -17.72 -2.05
N ASN A 345 -2.08 -18.82 -2.32
CA ASN A 345 -2.22 -19.92 -1.38
C ASN A 345 -2.18 -21.21 -2.18
N ASN A 346 -2.52 -22.32 -1.54
CA ASN A 346 -2.58 -23.62 -2.20
C ASN A 346 -3.97 -24.23 -2.12
N PHE A 347 -5.00 -23.39 -2.18
CA PHE A 347 -6.38 -23.87 -2.19
C PHE A 347 -6.66 -24.72 -3.43
N THR A 348 -7.43 -25.78 -3.25
CA THR A 348 -7.82 -26.67 -4.34
C THR A 348 -9.34 -26.81 -4.35
N GLY A 349 -9.83 -27.65 -5.26
CA GLY A 349 -11.26 -27.82 -5.38
C GLY A 349 -11.93 -26.62 -6.04
N VAL A 350 -13.26 -26.56 -5.86
CA VAL A 350 -14.08 -25.57 -6.52
C VAL A 350 -14.52 -24.52 -5.52
N LEU A 351 -14.87 -23.34 -6.03
CA LEU A 351 -15.36 -22.27 -5.19
C LEU A 351 -16.66 -22.69 -4.51
N PRO A 352 -16.84 -22.37 -3.23
CA PRO A 352 -18.10 -22.70 -2.56
C PRO A 352 -19.27 -21.88 -3.09
N GLU A 353 -20.46 -22.42 -2.92
CA GLU A 353 -21.68 -21.78 -3.40
C GLU A 353 -22.10 -20.57 -2.58
N THR A 354 -21.37 -20.24 -1.50
CA THR A 354 -21.76 -19.17 -0.59
C THR A 354 -21.10 -17.84 -0.92
N ILE A 355 -20.35 -17.75 -2.02
CA ILE A 355 -19.36 -16.68 -2.22
C ILE A 355 -20.01 -15.31 -2.02
N CYS A 356 -21.05 -15.02 -2.78
CA CYS A 356 -21.72 -13.73 -2.73
C CYS A 356 -23.19 -13.91 -2.39
N ARG A 357 -23.48 -14.77 -1.42
CA ARG A 357 -24.86 -15.17 -1.18
C ARG A 357 -25.73 -14.02 -0.70
N SER A 358 -25.14 -12.99 -0.08
CA SER A 358 -25.90 -11.86 0.41
C SER A 358 -25.83 -10.65 -0.52
N GLY A 359 -25.17 -10.79 -1.67
CA GLY A 359 -25.09 -9.68 -2.62
C GLY A 359 -24.37 -8.47 -2.08
N LYS A 360 -23.32 -8.66 -1.27
CA LYS A 360 -22.57 -7.55 -0.70
C LYS A 360 -21.07 -7.66 -0.87
N LEU A 361 -20.55 -8.76 -1.42
CA LEU A 361 -19.12 -8.91 -1.60
C LEU A 361 -18.62 -7.90 -2.63
N GLU A 362 -17.47 -7.29 -2.34
CA GLU A 362 -16.95 -6.23 -3.21
C GLU A 362 -15.60 -6.53 -3.81
N ASN A 363 -14.66 -7.08 -3.05
CA ASN A 363 -13.34 -7.43 -3.54
C ASN A 363 -13.09 -8.90 -3.26
N LEU A 364 -12.74 -9.66 -4.30
CA LEU A 364 -12.46 -11.09 -4.18
C LEU A 364 -11.18 -11.39 -4.94
N THR A 365 -10.20 -11.97 -4.25
CA THR A 365 -8.92 -12.31 -4.87
C THR A 365 -8.65 -13.80 -4.65
N LEU A 366 -8.33 -14.50 -5.75
CA LEU A 366 -8.05 -15.92 -5.71
C LEU A 366 -6.78 -16.27 -6.49
N ASP A 367 -5.92 -15.28 -6.74
CA ASP A 367 -4.79 -15.46 -7.63
C ASP A 367 -3.83 -16.54 -7.14
N ASP A 368 -3.32 -17.32 -8.09
CA ASP A 368 -2.21 -18.25 -7.86
C ASP A 368 -2.58 -19.30 -6.81
N ASN A 369 -3.74 -19.91 -6.99
CA ASN A 369 -4.18 -21.09 -6.26
C ASN A 369 -4.25 -22.26 -7.23
N LEU A 370 -4.72 -23.40 -6.73
CA LEU A 370 -4.95 -24.57 -7.55
C LEU A 370 -6.44 -24.90 -7.61
N LEU A 371 -7.26 -23.85 -7.70
CA LEU A 371 -8.70 -23.97 -7.78
C LEU A 371 -9.13 -24.33 -9.20
N SER A 372 -10.33 -24.87 -9.30
CA SER A 372 -10.87 -25.33 -10.58
C SER A 372 -12.39 -25.30 -10.49
N GLY A 373 -13.04 -25.86 -11.51
CA GLY A 373 -14.48 -25.95 -11.51
C GLY A 373 -15.14 -24.70 -12.05
N PRO A 374 -16.45 -24.62 -11.93
CA PRO A 374 -17.20 -23.48 -12.46
C PRO A 374 -17.36 -22.36 -11.44
N ILE A 375 -17.67 -21.19 -11.97
CA ILE A 375 -18.03 -20.04 -11.13
C ILE A 375 -19.38 -20.30 -10.49
N PRO A 376 -19.50 -20.23 -9.16
CA PRO A 376 -20.81 -20.41 -8.53
C PRO A 376 -21.80 -19.34 -8.96
N ILE A 377 -23.07 -19.72 -8.95
CA ILE A 377 -24.11 -18.86 -9.50
C ILE A 377 -24.27 -17.58 -8.66
N SER A 378 -24.06 -17.68 -7.34
CA SER A 378 -24.17 -16.48 -6.53
C SER A 378 -23.06 -15.48 -6.87
N LEU A 379 -21.92 -15.97 -7.36
CA LEU A 379 -20.88 -15.07 -7.86
C LEU A 379 -21.22 -14.54 -9.25
N THR A 380 -21.90 -15.33 -10.08
CA THR A 380 -22.35 -14.85 -11.38
C THR A 380 -23.29 -13.65 -11.22
N ASN A 381 -24.12 -13.67 -10.19
CA ASN A 381 -25.12 -12.63 -9.95
C ASN A 381 -24.70 -11.65 -8.87
N CYS A 382 -23.41 -11.60 -8.55
CA CYS A 382 -22.91 -10.73 -7.49
C CYS A 382 -22.77 -9.32 -8.05
N LYS A 383 -23.89 -8.58 -8.02
CA LYS A 383 -23.94 -7.25 -8.60
C LYS A 383 -23.12 -6.22 -7.80
N SER A 384 -22.68 -6.56 -6.59
CA SER A 384 -21.88 -5.65 -5.79
C SER A 384 -20.39 -5.78 -6.07
N LEU A 385 -20.00 -6.68 -6.97
CA LEU A 385 -18.59 -6.92 -7.26
C LEU A 385 -17.91 -5.65 -7.76
N ILE A 386 -16.76 -5.36 -7.18
CA ILE A 386 -15.93 -4.22 -7.57
C ILE A 386 -14.57 -4.69 -8.09
N ARG A 387 -13.92 -5.59 -7.36
CA ARG A 387 -12.63 -6.16 -7.76
C ARG A 387 -12.71 -7.68 -7.66
N ALA A 388 -12.40 -8.36 -8.76
CA ALA A 388 -12.37 -9.81 -8.75
C ALA A 388 -11.13 -10.26 -9.51
N ARG A 389 -10.34 -11.14 -8.88
CA ARG A 389 -9.07 -11.58 -9.44
C ARG A 389 -9.01 -13.10 -9.37
N PHE A 390 -8.95 -13.74 -10.53
CA PHE A 390 -8.90 -15.20 -10.65
C PHE A 390 -7.62 -15.71 -11.27
N LYS A 391 -6.61 -14.85 -11.43
CA LYS A 391 -5.44 -15.19 -12.22
C LYS A 391 -4.73 -16.42 -11.68
N GLY A 392 -4.24 -17.27 -12.58
CA GLY A 392 -3.43 -18.41 -12.20
C GLY A 392 -4.16 -19.52 -11.48
N ASN A 393 -5.23 -20.00 -12.09
CA ASN A 393 -6.03 -21.11 -11.58
C ASN A 393 -6.44 -21.96 -12.77
N SER A 394 -7.37 -22.89 -12.54
CA SER A 394 -7.89 -23.75 -13.60
C SER A 394 -9.41 -23.65 -13.68
N PHE A 395 -9.94 -22.43 -13.54
CA PHE A 395 -11.38 -22.21 -13.63
C PHE A 395 -11.86 -22.49 -15.05
N SER A 396 -13.03 -23.11 -15.15
CA SER A 396 -13.57 -23.59 -16.40
C SER A 396 -14.98 -23.07 -16.59
N GLY A 397 -15.43 -23.07 -17.83
CA GLY A 397 -16.83 -22.82 -18.14
C GLY A 397 -17.01 -21.75 -19.19
N ASP A 398 -18.24 -21.68 -19.70
CA ASP A 398 -18.62 -20.67 -20.67
C ASP A 398 -18.54 -19.29 -20.06
N ILE A 399 -17.64 -18.46 -20.58
CA ILE A 399 -17.42 -17.12 -20.05
C ILE A 399 -18.65 -16.25 -20.24
N SER A 400 -19.55 -16.62 -21.14
CA SER A 400 -20.77 -15.84 -21.35
C SER A 400 -21.80 -16.12 -20.27
N GLU A 401 -21.94 -17.39 -19.83
CA GLU A 401 -22.91 -17.75 -18.81
C GLU A 401 -22.31 -17.78 -17.41
N SER A 402 -21.00 -17.58 -17.28
CA SER A 402 -20.34 -17.65 -15.98
C SER A 402 -20.36 -16.31 -15.24
N PHE A 403 -20.47 -15.20 -15.96
CA PHE A 403 -20.40 -13.87 -15.36
C PHE A 403 -21.61 -13.06 -15.80
N GLY A 404 -22.40 -12.62 -14.83
CA GLY A 404 -23.54 -11.76 -15.09
C GLY A 404 -23.14 -10.34 -15.41
N GLU A 405 -24.05 -9.40 -15.15
CA GLU A 405 -23.79 -7.98 -15.33
C GLU A 405 -23.28 -7.41 -14.01
N TYR A 406 -22.20 -6.64 -14.08
CA TYR A 406 -21.49 -6.12 -12.92
C TYR A 406 -21.44 -4.60 -13.01
N PRO A 407 -22.51 -3.92 -12.59
CA PRO A 407 -22.55 -2.46 -12.74
C PRO A 407 -21.50 -1.71 -11.93
N ASN A 408 -20.99 -2.31 -10.85
CA ASN A 408 -20.01 -1.64 -10.00
C ASN A 408 -18.60 -2.19 -10.19
N LEU A 409 -18.40 -3.05 -11.19
CA LEU A 409 -17.10 -3.66 -11.39
C LEU A 409 -16.08 -2.62 -11.83
N ASN A 410 -14.89 -2.69 -11.23
CA ASN A 410 -13.79 -1.76 -11.50
C ASN A 410 -12.55 -2.46 -12.05
N PHE A 411 -12.26 -3.68 -11.60
CA PHE A 411 -11.08 -4.43 -12.00
C PHE A 411 -11.43 -5.90 -11.98
N ILE A 412 -11.18 -6.60 -13.09
CA ILE A 412 -11.40 -8.04 -13.14
C ILE A 412 -10.24 -8.69 -13.89
N ASP A 413 -9.73 -9.79 -13.35
CA ASP A 413 -8.60 -10.51 -13.93
C ASP A 413 -8.98 -11.97 -14.05
N LEU A 414 -9.10 -12.45 -15.29
CA LEU A 414 -9.41 -13.85 -15.58
C LEU A 414 -8.22 -14.60 -16.12
N SER A 415 -7.02 -14.02 -15.98
CA SER A 415 -5.85 -14.54 -16.67
C SER A 415 -5.49 -15.95 -16.20
N ASN A 416 -4.87 -16.71 -17.10
CA ASN A 416 -4.32 -18.03 -16.80
C ASN A 416 -5.37 -18.95 -16.18
N ASN A 417 -6.42 -19.19 -16.96
CA ASN A 417 -7.48 -20.11 -16.58
C ASN A 417 -7.86 -20.90 -17.83
N LYS A 418 -8.97 -21.64 -17.74
CA LYS A 418 -9.46 -22.45 -18.85
C LYS A 418 -10.87 -22.03 -19.24
N PHE A 419 -11.15 -20.74 -19.18
CA PHE A 419 -12.45 -20.23 -19.58
C PHE A 419 -12.66 -20.41 -21.08
N ARG A 420 -13.85 -20.87 -21.46
CA ARG A 420 -14.21 -21.10 -22.85
C ARG A 420 -15.39 -20.20 -23.22
N GLY A 421 -15.75 -20.24 -24.50
CA GLY A 421 -16.89 -19.47 -24.96
C GLY A 421 -16.49 -18.13 -25.53
N GLN A 422 -17.48 -17.27 -25.70
CA GLN A 422 -17.33 -15.99 -26.35
C GLN A 422 -17.56 -14.85 -25.37
N ILE A 423 -16.83 -13.75 -25.58
CA ILE A 423 -16.98 -12.58 -24.72
C ILE A 423 -18.37 -11.97 -24.95
N SER A 424 -19.16 -11.89 -23.87
CA SER A 424 -20.51 -11.37 -24.01
C SER A 424 -20.51 -9.84 -23.97
N PRO A 425 -21.47 -9.20 -24.64
CA PRO A 425 -21.61 -7.74 -24.53
C PRO A 425 -22.03 -7.27 -23.14
N LYS A 426 -22.30 -8.19 -22.21
CA LYS A 426 -22.72 -7.80 -20.87
C LYS A 426 -21.66 -6.96 -20.17
N TRP A 427 -20.39 -7.14 -20.55
CA TRP A 427 -19.31 -6.40 -19.90
C TRP A 427 -19.48 -4.90 -20.07
N GLU A 428 -20.14 -4.46 -21.15
CA GLU A 428 -20.35 -3.04 -21.37
C GLU A 428 -21.18 -2.41 -20.26
N LYS A 429 -22.01 -3.20 -19.58
CA LYS A 429 -22.75 -2.70 -18.41
C LYS A 429 -21.83 -2.29 -17.28
N SER A 430 -20.60 -2.80 -17.24
CA SER A 430 -19.59 -2.36 -16.26
C SER A 430 -19.06 -1.01 -16.71
N ARG A 431 -19.88 0.03 -16.50
CA ARG A 431 -19.56 1.36 -16.96
C ARG A 431 -18.46 2.03 -16.15
N LYS A 432 -18.05 1.44 -15.02
CA LYS A 432 -16.94 1.95 -14.23
C LYS A 432 -15.68 1.11 -14.38
N LEU A 433 -15.73 0.07 -15.22
CA LEU A 433 -14.59 -0.85 -15.37
C LEU A 433 -13.41 -0.17 -16.03
N VAL A 434 -12.27 -0.17 -15.35
CA VAL A 434 -11.05 0.42 -15.90
C VAL A 434 -10.05 -0.62 -16.40
N ALA A 435 -10.16 -1.88 -15.98
CA ALA A 435 -9.23 -2.92 -16.42
C ALA A 435 -9.95 -4.24 -16.62
N PHE A 436 -9.72 -4.86 -17.78
CA PHE A 436 -10.25 -6.18 -18.10
C PHE A 436 -9.10 -7.02 -18.64
N ILE A 437 -8.61 -7.95 -17.82
CA ILE A 437 -7.45 -8.77 -18.17
C ILE A 437 -7.90 -10.23 -18.19
N ALA A 438 -7.81 -10.86 -19.36
CA ALA A 438 -8.24 -12.25 -19.55
C ALA A 438 -7.23 -13.04 -20.37
N THR A 439 -5.94 -12.88 -20.08
CA THR A 439 -4.91 -13.60 -20.83
C THR A 439 -5.00 -15.10 -20.57
N ASP A 440 -4.49 -15.88 -21.52
CA ASP A 440 -4.31 -17.32 -21.38
C ASP A 440 -5.61 -18.03 -21.01
N ASN A 441 -6.60 -17.91 -21.88
CA ASN A 441 -7.82 -18.70 -21.76
C ASN A 441 -8.13 -19.31 -23.12
N ASN A 442 -9.12 -20.21 -23.15
CA ASN A 442 -9.64 -20.73 -24.41
C ASN A 442 -10.85 -19.94 -24.87
N ILE A 443 -10.65 -18.64 -25.04
CA ILE A 443 -11.73 -17.74 -25.45
C ILE A 443 -11.72 -17.63 -26.97
N THR A 444 -12.89 -17.80 -27.58
CA THR A 444 -13.02 -17.84 -29.03
C THR A 444 -14.07 -16.84 -29.47
N GLY A 445 -14.30 -16.80 -30.78
CA GLY A 445 -15.26 -15.88 -31.34
C GLY A 445 -14.69 -14.49 -31.54
N PRO A 446 -15.55 -13.55 -31.88
CA PRO A 446 -15.11 -12.16 -32.04
C PRO A 446 -15.22 -11.36 -30.75
N ILE A 447 -14.48 -10.25 -30.72
CA ILE A 447 -14.68 -9.25 -29.68
C ILE A 447 -15.98 -8.52 -30.01
N PRO A 448 -16.98 -8.57 -29.15
CA PRO A 448 -18.23 -7.84 -29.41
C PRO A 448 -17.96 -6.35 -29.56
N PRO A 449 -18.65 -5.69 -30.49
CA PRO A 449 -18.39 -4.26 -30.70
C PRO A 449 -18.72 -3.39 -29.49
N GLU A 450 -19.57 -3.88 -28.58
CA GLU A 450 -19.88 -3.12 -27.38
C GLU A 450 -18.66 -2.88 -26.51
N ILE A 451 -17.61 -3.69 -26.67
CA ILE A 451 -16.39 -3.49 -25.90
C ILE A 451 -15.77 -2.14 -26.21
N TRP A 452 -15.76 -1.76 -27.50
CA TRP A 452 -15.21 -0.47 -27.87
C TRP A 452 -16.01 0.71 -27.35
N ASN A 453 -17.23 0.48 -26.85
CA ASN A 453 -18.01 1.54 -26.24
C ASN A 453 -17.65 1.78 -24.77
N MET A 454 -16.70 1.02 -24.22
CA MET A 454 -16.26 1.20 -22.83
C MET A 454 -15.13 2.23 -22.78
N THR A 455 -15.51 3.49 -22.96
CA THR A 455 -14.54 4.58 -23.04
C THR A 455 -13.75 4.74 -21.75
N GLN A 456 -14.29 4.30 -20.62
CA GLN A 456 -13.60 4.38 -19.34
C GLN A 456 -12.49 3.35 -19.20
N LEU A 457 -12.41 2.38 -20.12
CA LEU A 457 -11.39 1.35 -20.03
C LEU A 457 -9.99 1.95 -20.16
N ASN A 458 -9.11 1.60 -19.21
CA ASN A 458 -7.71 1.97 -19.28
C ASN A 458 -6.83 0.85 -19.80
N GLN A 459 -7.17 -0.39 -19.47
CA GLN A 459 -6.30 -1.54 -19.71
C GLN A 459 -7.18 -2.70 -20.17
N LEU A 460 -6.93 -3.18 -21.38
CA LEU A 460 -7.67 -4.30 -21.95
C LEU A 460 -6.69 -5.33 -22.46
N ASP A 461 -6.74 -6.54 -21.89
CA ASP A 461 -5.80 -7.61 -22.20
C ASP A 461 -6.58 -8.88 -22.54
N LEU A 462 -6.70 -9.16 -23.84
CA LEU A 462 -7.32 -10.38 -24.34
C LEU A 462 -6.30 -11.31 -24.98
N SER A 463 -5.02 -11.14 -24.63
CA SER A 463 -3.95 -11.84 -25.32
C SER A 463 -3.95 -13.33 -24.99
N SER A 464 -3.36 -14.12 -25.89
CA SER A 464 -3.17 -15.56 -25.74
C SER A 464 -4.50 -16.31 -25.62
N ASN A 465 -5.45 -15.95 -26.46
CA ASN A 465 -6.71 -16.62 -26.62
C ASN A 465 -6.81 -17.12 -28.07
N ASN A 466 -7.97 -17.62 -28.44
CA ASN A 466 -8.24 -17.98 -29.82
C ASN A 466 -9.36 -17.11 -30.40
N ILE A 467 -9.31 -15.81 -30.06
CA ILE A 467 -10.26 -14.85 -30.59
C ILE A 467 -10.02 -14.64 -32.08
N SER A 468 -11.10 -14.50 -32.85
CA SER A 468 -10.98 -14.35 -34.29
C SER A 468 -11.77 -13.14 -34.81
N GLY A 469 -11.85 -13.00 -36.13
CA GLY A 469 -12.53 -11.87 -36.74
C GLY A 469 -11.59 -10.72 -37.03
N GLU A 470 -12.13 -9.72 -37.72
CA GLU A 470 -11.41 -8.49 -38.00
C GLU A 470 -11.78 -7.40 -36.99
N LEU A 471 -10.81 -6.55 -36.68
CA LEU A 471 -11.05 -5.45 -35.75
C LEU A 471 -11.77 -4.31 -36.47
N PRO A 472 -12.88 -3.81 -35.93
CA PRO A 472 -13.60 -2.72 -36.59
C PRO A 472 -12.93 -1.38 -36.33
N GLU A 473 -13.30 -0.40 -37.15
CA GLU A 473 -12.80 0.96 -36.96
C GLU A 473 -13.36 1.61 -35.70
N THR A 474 -14.43 1.04 -35.13
CA THR A 474 -15.01 1.57 -33.90
C THR A 474 -14.10 1.36 -32.70
N ILE A 475 -12.97 0.65 -32.88
CA ILE A 475 -11.96 0.53 -31.83
C ILE A 475 -11.47 1.91 -31.41
N SER A 476 -11.61 2.91 -32.27
CA SER A 476 -11.15 4.26 -31.96
C SER A 476 -11.87 4.86 -30.77
N LYS A 477 -12.99 4.30 -30.35
CA LYS A 477 -13.78 4.86 -29.26
C LYS A 477 -13.19 4.61 -27.88
N LEU A 478 -12.16 3.77 -27.76
CA LEU A 478 -11.48 3.55 -26.48
C LEU A 478 -10.54 4.73 -26.22
N THR A 479 -11.16 5.84 -25.80
CA THR A 479 -10.42 7.10 -25.66
C THR A 479 -9.31 7.01 -24.62
N ARG A 480 -9.57 6.28 -23.52
CA ARG A 480 -8.70 6.33 -22.35
C ARG A 480 -7.90 5.06 -22.15
N VAL A 481 -7.87 4.16 -23.12
CA VAL A 481 -7.05 2.95 -23.00
C VAL A 481 -5.59 3.33 -23.16
N SER A 482 -4.75 2.78 -22.29
CA SER A 482 -3.30 2.98 -22.35
C SER A 482 -2.53 1.70 -22.56
N LYS A 483 -3.03 0.57 -22.07
CA LYS A 483 -2.42 -0.75 -22.28
C LYS A 483 -3.42 -1.60 -23.05
N LEU A 484 -3.16 -1.81 -24.34
CA LEU A 484 -4.01 -2.63 -25.20
C LEU A 484 -3.21 -3.83 -25.68
N GLN A 485 -3.60 -5.03 -25.24
CA GLN A 485 -2.92 -6.27 -25.59
C GLN A 485 -3.92 -7.21 -26.23
N LEU A 486 -3.81 -7.40 -27.54
CA LEU A 486 -4.62 -8.36 -28.28
C LEU A 486 -3.77 -9.46 -28.90
N ASN A 487 -2.51 -9.55 -28.53
CA ASN A 487 -1.55 -10.43 -29.18
C ASN A 487 -1.87 -11.89 -28.91
N GLY A 488 -1.32 -12.76 -29.76
CA GLY A 488 -1.50 -14.19 -29.58
C GLY A 488 -2.91 -14.68 -29.82
N ASN A 489 -3.59 -14.13 -30.82
CA ASN A 489 -4.93 -14.54 -31.17
C ASN A 489 -4.99 -14.90 -32.66
N GLN A 490 -6.20 -15.13 -33.18
CA GLN A 490 -6.40 -15.36 -34.60
C GLN A 490 -7.10 -14.19 -35.28
N LEU A 491 -6.81 -12.97 -34.82
CA LEU A 491 -7.42 -11.79 -35.43
C LEU A 491 -6.87 -11.57 -36.84
N SER A 492 -7.75 -11.25 -37.78
CA SER A 492 -7.37 -11.16 -39.18
C SER A 492 -7.75 -9.83 -39.82
N GLY A 493 -7.56 -9.72 -41.12
CA GLY A 493 -7.86 -8.48 -41.81
C GLY A 493 -6.80 -7.43 -41.54
N ARG A 494 -7.07 -6.21 -42.02
CA ARG A 494 -6.14 -5.10 -41.82
C ARG A 494 -6.23 -4.58 -40.39
N ILE A 495 -5.10 -4.13 -39.87
CA ILE A 495 -5.11 -3.36 -38.63
C ILE A 495 -5.96 -2.11 -38.84
N PRO A 496 -6.97 -1.84 -38.01
CA PRO A 496 -7.82 -0.67 -38.26
C PRO A 496 -7.05 0.64 -38.07
N SER A 497 -7.32 1.59 -38.97
CA SER A 497 -6.69 2.90 -38.84
C SER A 497 -7.23 3.68 -37.65
N GLY A 498 -8.36 3.25 -37.09
CA GLY A 498 -8.95 3.92 -35.93
C GLY A 498 -8.08 3.89 -34.70
N ILE A 499 -7.12 2.97 -34.63
CA ILE A 499 -6.19 2.94 -33.52
C ILE A 499 -5.42 4.26 -33.42
N ARG A 500 -5.33 4.99 -34.52
CA ARG A 500 -4.86 6.38 -34.56
C ARG A 500 -5.43 7.22 -33.43
N SER A 501 -6.72 7.02 -33.12
CA SER A 501 -7.44 7.86 -32.17
C SER A 501 -7.18 7.47 -30.71
N LEU A 502 -6.51 6.36 -30.44
CA LEU A 502 -6.25 5.93 -29.07
C LEU A 502 -5.10 6.76 -28.49
N ALA A 503 -5.39 8.05 -28.29
CA ALA A 503 -4.35 9.01 -27.95
C ALA A 503 -3.66 8.66 -26.64
N ASN A 504 -4.38 8.06 -25.72
CA ASN A 504 -3.80 7.70 -24.42
C ASN A 504 -3.01 6.41 -24.47
N LEU A 505 -2.98 5.73 -25.61
CA LEU A 505 -2.27 4.46 -25.72
C LEU A 505 -0.79 4.65 -25.43
N GLU A 506 -0.27 3.81 -24.52
CA GLU A 506 1.14 3.77 -24.18
C GLU A 506 1.81 2.47 -24.59
N TYR A 507 1.15 1.34 -24.33
CA TYR A 507 1.67 0.01 -24.61
C TYR A 507 0.68 -0.67 -25.55
N LEU A 508 1.12 -0.96 -26.78
CA LEU A 508 0.26 -1.58 -27.79
C LEU A 508 0.93 -2.84 -28.31
N ASP A 509 0.24 -3.97 -28.20
CA ASP A 509 0.74 -5.25 -28.68
C ASP A 509 -0.33 -5.94 -29.51
N LEU A 510 -0.14 -5.96 -30.83
CA LEU A 510 -1.00 -6.68 -31.75
C LEU A 510 -0.26 -7.85 -32.39
N SER A 511 0.81 -8.31 -31.78
CA SER A 511 1.68 -9.30 -32.38
C SER A 511 1.03 -10.68 -32.36
N SER A 512 1.60 -11.61 -33.14
CA SER A 512 1.18 -13.00 -33.17
C SER A 512 -0.32 -13.12 -33.49
N ASN A 513 -0.68 -12.60 -34.65
CA ASN A 513 -2.04 -12.60 -35.14
C ASN A 513 -2.00 -12.88 -36.63
N ARG A 514 -3.13 -12.70 -37.30
CA ARG A 514 -3.21 -12.87 -38.74
C ARG A 514 -3.53 -11.55 -39.45
N PHE A 515 -3.09 -10.43 -38.87
CA PHE A 515 -3.28 -9.14 -39.50
C PHE A 515 -2.51 -9.10 -40.82
N SER A 516 -3.19 -8.70 -41.89
CA SER A 516 -2.63 -8.71 -43.23
C SER A 516 -2.60 -7.29 -43.80
N PHE A 517 -2.00 -7.17 -44.99
CA PHE A 517 -1.91 -5.93 -45.74
C PHE A 517 -1.03 -4.89 -45.06
N GLN A 518 -1.04 -3.66 -45.57
CA GLN A 518 -0.09 -2.64 -45.14
C GLN A 518 -0.43 -2.13 -43.76
N ILE A 519 0.61 -1.82 -42.99
CA ILE A 519 0.42 -1.09 -41.73
C ILE A 519 -0.25 0.24 -42.03
N PRO A 520 -1.30 0.63 -41.30
CA PRO A 520 -2.02 1.86 -41.63
C PRO A 520 -1.11 3.07 -41.76
N ALA A 521 -1.24 3.75 -42.90
CA ALA A 521 -0.41 4.92 -43.17
C ALA A 521 -0.68 6.05 -42.18
N THR A 522 -1.92 6.17 -41.72
CA THR A 522 -2.35 7.26 -40.87
C THR A 522 -1.90 7.12 -39.43
N LEU A 523 -1.26 6.00 -39.06
CA LEU A 523 -0.98 5.71 -37.65
C LEU A 523 0.21 6.57 -37.22
N ASP A 524 -0.10 7.83 -36.89
CA ASP A 524 0.92 8.79 -36.49
C ASP A 524 0.50 9.64 -35.29
N SER A 525 -0.58 9.29 -34.60
CA SER A 525 -1.23 10.18 -33.64
C SER A 525 -1.26 9.56 -32.24
N LEU A 526 -0.14 8.97 -31.82
CA LEU A 526 -0.04 8.29 -30.53
C LEU A 526 1.14 8.90 -29.78
N PRO A 527 0.96 10.10 -29.21
CA PRO A 527 2.10 10.80 -28.61
C PRO A 527 2.60 10.19 -27.32
N ARG A 528 1.82 9.32 -26.67
CA ARG A 528 2.24 8.67 -25.44
C ARG A 528 2.75 7.25 -25.66
N LEU A 529 2.71 6.76 -26.90
CA LEU A 529 3.07 5.37 -27.17
C LEU A 529 4.58 5.19 -27.05
N TYR A 530 5.00 4.29 -26.16
CA TYR A 530 6.40 3.94 -26.00
C TYR A 530 6.69 2.48 -26.36
N TYR A 531 5.67 1.71 -26.70
CA TYR A 531 5.86 0.30 -27.05
C TYR A 531 4.86 -0.06 -28.14
N MET A 532 5.34 -0.73 -29.18
CA MET A 532 4.46 -1.21 -30.24
C MET A 532 5.05 -2.51 -30.78
N ASN A 533 4.36 -3.62 -30.54
CA ASN A 533 4.76 -4.93 -31.04
C ASN A 533 3.72 -5.39 -32.05
N LEU A 534 4.12 -5.41 -33.32
CA LEU A 534 3.30 -5.90 -34.42
C LEU A 534 3.86 -7.17 -35.01
N SER A 535 4.86 -7.77 -34.37
CA SER A 535 5.62 -8.87 -34.94
C SER A 535 4.74 -10.11 -35.13
N ARG A 536 5.19 -11.00 -36.01
CA ARG A 536 4.55 -12.29 -36.23
C ARG A 536 3.11 -12.12 -36.73
N ASN A 537 2.98 -11.31 -37.78
CA ASN A 537 1.72 -11.10 -38.47
C ASN A 537 1.93 -11.32 -39.97
N ASP A 538 0.92 -11.01 -40.78
CA ASP A 538 1.01 -11.11 -42.23
C ASP A 538 1.05 -9.73 -42.88
N LEU A 539 1.58 -8.75 -42.17
CA LEU A 539 1.69 -7.38 -42.71
C LEU A 539 2.75 -7.33 -43.79
N ASP A 540 2.52 -6.50 -44.80
CA ASP A 540 3.44 -6.39 -45.92
C ASP A 540 3.55 -4.93 -46.36
N GLN A 541 4.33 -4.74 -47.43
CA GLN A 541 4.59 -3.45 -48.06
C GLN A 541 5.52 -2.57 -47.22
N ASN A 542 5.69 -1.33 -47.64
CA ASN A 542 6.67 -0.44 -47.02
C ASN A 542 6.28 -0.10 -45.58
N ILE A 543 7.29 0.13 -44.75
CA ILE A 543 7.08 0.66 -43.41
C ILE A 543 6.56 2.09 -43.55
N PRO A 544 5.40 2.42 -42.99
CA PRO A 544 4.81 3.74 -43.24
C PRO A 544 5.59 4.87 -42.58
N MET A 545 5.47 6.06 -43.19
CA MET A 545 6.05 7.26 -42.60
C MET A 545 5.36 7.66 -41.31
N GLY A 546 4.13 7.21 -41.10
CA GLY A 546 3.40 7.61 -39.90
C GLY A 546 4.00 7.08 -38.62
N LEU A 547 4.63 5.90 -38.68
CA LEU A 547 5.29 5.34 -37.51
C LEU A 547 6.37 6.28 -36.99
N THR A 548 7.07 6.95 -37.88
CA THR A 548 8.18 7.83 -37.51
C THR A 548 7.72 9.11 -36.81
N LYS A 549 6.42 9.39 -36.75
CA LYS A 549 5.92 10.53 -36.01
C LYS A 549 5.54 10.19 -34.57
N LEU A 550 5.84 8.98 -34.11
CA LEU A 550 5.57 8.56 -32.74
C LEU A 550 6.84 8.74 -31.92
N SER A 551 7.12 10.01 -31.59
CA SER A 551 8.38 10.39 -30.96
C SER A 551 8.68 9.58 -29.71
N GLN A 552 7.65 9.29 -28.92
CA GLN A 552 7.86 8.66 -27.61
C GLN A 552 8.10 7.16 -27.71
N LEU A 553 8.28 6.63 -28.92
CA LEU A 553 8.56 5.22 -29.08
C LEU A 553 9.90 4.86 -28.44
N GLN A 554 9.93 3.76 -27.70
CA GLN A 554 11.13 3.22 -27.08
C GLN A 554 11.42 1.80 -27.54
N THR A 555 10.39 0.98 -27.71
CA THR A 555 10.51 -0.35 -28.29
C THR A 555 9.58 -0.43 -29.50
N LEU A 556 10.10 -0.94 -30.61
CA LEU A 556 9.33 -1.07 -31.85
C LEU A 556 9.72 -2.38 -32.51
N ASP A 557 8.79 -3.33 -32.59
CA ASP A 557 9.05 -4.65 -33.14
C ASP A 557 8.10 -4.89 -34.32
N LEU A 558 8.63 -4.88 -35.53
CA LEU A 558 7.88 -5.27 -36.72
C LEU A 558 8.42 -6.55 -37.34
N SER A 559 9.00 -7.42 -36.52
CA SER A 559 9.66 -8.61 -37.04
C SER A 559 8.64 -9.66 -37.48
N HIS A 560 9.13 -10.65 -38.21
CA HIS A 560 8.34 -11.81 -38.64
C HIS A 560 7.09 -11.35 -39.41
N ASN A 561 7.35 -10.56 -40.45
CA ASN A 561 6.33 -10.01 -41.32
C ASN A 561 6.85 -10.08 -42.74
N ASN A 562 6.14 -9.45 -43.67
CA ASN A 562 6.54 -9.44 -45.06
C ASN A 562 6.69 -8.01 -45.57
N LEU A 563 7.20 -7.12 -44.72
CA LEU A 563 7.41 -5.75 -45.16
C LEU A 563 8.60 -5.68 -46.10
N ASP A 564 8.48 -4.83 -47.12
CA ASP A 564 9.52 -4.71 -48.15
C ASP A 564 9.99 -3.26 -48.28
N GLY A 565 10.84 -2.99 -49.27
CA GLY A 565 11.34 -1.66 -49.47
C GLY A 565 12.48 -1.33 -48.53
N GLU A 566 12.81 -0.05 -48.49
CA GLU A 566 13.92 0.42 -47.67
C GLU A 566 13.43 0.87 -46.31
N ILE A 567 14.34 0.82 -45.34
CA ILE A 567 14.05 1.42 -44.03
C ILE A 567 14.13 2.93 -44.16
N PRO A 568 13.09 3.67 -43.73
CA PRO A 568 13.10 5.12 -43.96
C PRO A 568 14.22 5.81 -43.21
N SER A 569 14.75 6.88 -43.84
CA SER A 569 15.66 7.77 -43.14
C SER A 569 14.96 8.48 -41.99
N GLN A 570 13.68 8.79 -42.14
CA GLN A 570 12.91 9.59 -41.21
C GLN A 570 12.84 8.99 -39.81
N PHE A 571 13.34 7.77 -39.60
CA PHE A 571 13.40 7.24 -38.25
C PHE A 571 14.13 8.17 -37.30
N THR A 572 14.91 9.13 -37.84
CA THR A 572 15.67 10.04 -37.01
C THR A 572 14.79 10.81 -36.04
N SER A 573 13.52 11.00 -36.40
CA SER A 573 12.56 11.63 -35.50
C SER A 573 12.23 10.73 -34.31
N LEU A 574 12.64 9.46 -34.32
CA LEU A 574 12.47 8.57 -33.17
C LEU A 574 13.73 8.57 -32.31
N GLN A 575 14.01 9.74 -31.75
CA GLN A 575 15.24 9.91 -30.96
C GLN A 575 15.16 9.16 -29.64
N ASN A 576 13.95 8.93 -29.12
CA ASN A 576 13.77 8.20 -27.87
C ASN A 576 13.68 6.71 -28.06
N LEU A 577 13.95 6.21 -29.27
CA LEU A 577 13.90 4.78 -29.54
C LEU A 577 15.17 4.11 -29.03
N GLU A 578 14.99 2.97 -28.36
CA GLU A 578 16.12 2.18 -27.87
C GLU A 578 16.20 0.81 -28.53
N LYS A 579 15.11 0.05 -28.54
CA LYS A 579 15.06 -1.27 -29.16
C LYS A 579 14.24 -1.21 -30.44
N LEU A 580 14.81 -1.73 -31.53
CA LEU A 580 14.17 -1.70 -32.85
C LEU A 580 14.42 -3.04 -33.52
N TYR A 581 13.36 -3.85 -33.65
CA TYR A 581 13.46 -5.22 -34.16
C TYR A 581 12.76 -5.29 -35.51
N LEU A 582 13.52 -5.54 -36.58
CA LEU A 582 12.97 -5.58 -37.94
C LEU A 582 13.37 -6.86 -38.66
N GLN A 583 13.55 -7.96 -37.93
CA GLN A 583 14.09 -9.17 -38.53
C GLN A 583 13.00 -9.97 -39.23
N HIS A 584 13.43 -10.89 -40.09
CA HIS A 584 12.55 -11.85 -40.77
C HIS A 584 11.54 -11.14 -41.67
N ASN A 585 12.06 -10.23 -42.49
CA ASN A 585 11.25 -9.47 -43.43
C ASN A 585 11.86 -9.55 -44.82
N ASN A 586 11.33 -8.79 -45.77
CA ASN A 586 11.89 -8.68 -47.11
C ASN A 586 12.32 -7.25 -47.37
N LEU A 587 12.86 -6.60 -46.33
CA LEU A 587 13.36 -5.24 -46.45
C LEU A 587 14.61 -5.21 -47.31
N SER A 588 14.65 -4.27 -48.25
CA SER A 588 15.75 -4.20 -49.20
C SER A 588 16.34 -2.79 -49.24
N GLY A 589 17.28 -2.57 -50.15
CA GLY A 589 17.87 -1.26 -50.35
C GLY A 589 19.01 -0.99 -49.40
N PRO A 590 19.68 0.14 -49.58
CA PRO A 590 20.83 0.46 -48.74
C PRO A 590 20.41 1.02 -47.40
N ILE A 591 21.33 0.92 -46.44
CA ILE A 591 21.09 1.46 -45.10
C ILE A 591 21.05 2.98 -45.18
N PRO A 592 20.15 3.64 -44.43
CA PRO A 592 20.08 5.11 -44.48
C PRO A 592 21.38 5.80 -44.08
N SER A 593 21.63 6.95 -44.71
CA SER A 593 22.82 7.76 -44.42
C SER A 593 22.85 8.19 -42.96
N SER A 594 21.68 8.36 -42.36
CA SER A 594 21.48 8.68 -40.96
C SER A 594 21.52 7.38 -40.14
N PHE A 595 21.07 7.45 -38.89
CA PHE A 595 21.29 6.57 -37.74
C PHE A 595 22.62 6.82 -37.02
N SER A 596 23.44 7.75 -37.47
CA SER A 596 24.34 8.42 -36.55
C SER A 596 23.57 9.39 -35.66
N GLU A 597 22.55 10.04 -36.24
CA GLU A 597 21.78 11.07 -35.54
C GLU A 597 21.07 10.53 -34.29
N MET A 598 20.91 9.21 -34.17
CA MET A 598 20.32 8.64 -32.96
C MET A 598 21.43 8.20 -32.02
N LYS A 599 21.20 8.43 -30.74
CA LYS A 599 22.15 8.06 -29.71
C LYS A 599 21.50 7.20 -28.63
N SER A 600 20.20 6.94 -28.74
CA SER A 600 19.46 6.17 -27.74
C SER A 600 19.34 4.70 -28.10
N LEU A 601 19.51 4.32 -29.37
CA LEU A 601 19.40 2.92 -29.75
C LEU A 601 20.44 2.08 -29.02
N THR A 602 19.99 0.95 -28.45
CA THR A 602 20.90 0.03 -27.79
C THR A 602 20.76 -1.39 -28.34
N HIS A 603 19.57 -1.72 -28.85
CA HIS A 603 19.30 -3.05 -29.39
C HIS A 603 18.69 -2.90 -30.78
N VAL A 604 19.17 -3.71 -31.74
CA VAL A 604 18.62 -3.74 -33.08
C VAL A 604 18.74 -5.16 -33.62
N ASP A 605 17.88 -5.48 -34.59
CA ASP A 605 17.95 -6.75 -35.32
C ASP A 605 17.38 -6.52 -36.71
N VAL A 606 18.19 -6.79 -37.74
CA VAL A 606 17.79 -6.58 -39.12
C VAL A 606 18.02 -7.84 -39.95
N SER A 607 18.05 -8.99 -39.28
CA SER A 607 18.49 -10.21 -39.94
C SER A 607 17.42 -10.75 -40.89
N HIS A 608 17.86 -11.65 -41.78
CA HIS A 608 16.99 -12.37 -42.69
C HIS A 608 16.15 -11.42 -43.55
N ASN A 609 16.83 -10.43 -44.14
CA ASN A 609 16.24 -9.46 -45.03
C ASN A 609 17.03 -9.43 -46.33
N ASN A 610 16.57 -8.62 -47.29
CA ASN A 610 17.31 -8.38 -48.52
C ASN A 610 18.08 -7.07 -48.48
N LEU A 611 18.36 -6.54 -47.28
CA LEU A 611 19.13 -5.30 -47.16
C LEU A 611 20.56 -5.52 -47.62
N GLU A 612 21.16 -4.46 -48.15
CA GLU A 612 22.52 -4.51 -48.64
C GLU A 612 23.23 -3.20 -48.28
N GLY A 613 24.55 -3.25 -48.32
CA GLY A 613 25.36 -2.07 -48.07
C GLY A 613 26.04 -2.12 -46.73
N PRO A 614 26.58 -0.99 -46.29
CA PRO A 614 27.34 -0.96 -45.04
C PRO A 614 26.49 -0.65 -43.81
N ILE A 615 26.92 -1.22 -42.70
CA ILE A 615 26.28 -0.99 -41.41
C ILE A 615 26.60 0.42 -40.92
N PRO A 616 25.70 1.12 -40.24
CA PRO A 616 26.01 2.45 -39.72
C PRO A 616 26.76 2.35 -38.40
N ASP A 617 27.13 3.53 -37.87
CA ASP A 617 28.03 3.66 -36.73
C ASP A 617 27.20 3.91 -35.48
N ASN A 618 26.73 2.83 -34.86
CA ASN A 618 26.02 2.92 -33.60
C ASN A 618 26.27 1.65 -32.80
N ALA A 619 26.03 1.75 -31.49
CA ALA A 619 26.45 0.70 -30.56
C ALA A 619 25.79 -0.63 -30.87
N ALA A 620 24.46 -0.64 -30.99
CA ALA A 620 23.74 -1.88 -31.25
C ALA A 620 24.30 -2.60 -32.48
N PHE A 621 24.68 -1.84 -33.50
CA PHE A 621 25.28 -2.45 -34.68
C PHE A 621 26.67 -3.01 -34.39
N LYS A 622 27.49 -2.28 -33.62
CA LYS A 622 28.76 -2.83 -33.17
C LYS A 622 28.56 -4.04 -32.26
N ASN A 623 27.56 -3.98 -31.38
CA ASN A 623 27.32 -4.98 -30.37
C ASN A 623 26.43 -6.12 -30.85
N ALA A 624 25.99 -6.08 -32.11
CA ALA A 624 25.15 -7.14 -32.63
C ALA A 624 25.91 -8.46 -32.71
N ARG A 625 25.20 -9.55 -32.47
CA ARG A 625 25.76 -10.90 -32.56
C ARG A 625 25.58 -11.38 -34.00
N PRO A 626 26.06 -12.58 -34.35
CA PRO A 626 25.76 -13.07 -35.71
C PRO A 626 24.28 -13.14 -36.01
N ASP A 627 23.47 -13.63 -35.07
CA ASP A 627 22.03 -13.78 -35.32
C ASP A 627 21.37 -12.45 -35.63
N ALA A 628 21.83 -11.36 -35.00
CA ALA A 628 21.22 -10.05 -35.24
C ALA A 628 21.35 -9.60 -36.70
N LEU A 629 22.47 -9.90 -37.36
CA LEU A 629 22.79 -9.27 -38.63
C LEU A 629 22.89 -10.22 -39.83
N GLU A 630 22.66 -11.51 -39.67
CA GLU A 630 22.88 -12.43 -40.79
C GLU A 630 21.72 -12.40 -41.77
N GLY A 631 21.90 -13.11 -42.89
CA GLY A 631 20.82 -13.37 -43.82
C GLY A 631 20.62 -12.33 -44.89
N ASN A 632 21.31 -11.20 -44.80
CA ASN A 632 21.12 -10.12 -45.75
C ASN A 632 22.00 -10.31 -46.98
N ARG A 633 21.61 -9.65 -48.07
CA ARG A 633 22.20 -9.90 -49.38
C ARG A 633 23.67 -9.52 -49.41
N ASP A 634 23.97 -8.25 -49.11
CA ASP A 634 25.34 -7.73 -49.17
C ASP A 634 25.60 -6.95 -47.88
N LEU A 635 26.14 -7.64 -46.88
CA LEU A 635 26.33 -7.08 -45.56
C LEU A 635 27.67 -6.36 -45.46
N CYS A 636 27.63 -5.09 -45.05
CA CYS A 636 28.80 -4.30 -44.69
C CYS A 636 29.68 -3.96 -45.90
N GLY A 637 30.51 -2.92 -45.75
CA GLY A 637 31.43 -2.54 -46.81
C GLY A 637 32.54 -3.55 -47.01
N SER A 638 32.95 -4.24 -45.95
CA SER A 638 34.04 -5.20 -46.01
C SER A 638 33.57 -6.64 -45.75
N ASN A 639 32.30 -6.93 -46.01
CA ASN A 639 31.73 -8.28 -45.90
C ASN A 639 32.01 -8.90 -44.54
N THR A 640 31.75 -8.14 -43.48
CA THR A 640 32.05 -8.58 -42.13
C THR A 640 30.77 -8.97 -41.39
N THR A 641 30.92 -9.98 -40.52
CA THR A 641 29.88 -10.47 -39.62
C THR A 641 30.02 -9.90 -38.21
N GLN A 642 31.10 -9.17 -37.94
CA GLN A 642 31.45 -8.68 -36.61
C GLN A 642 32.17 -7.33 -36.79
N GLY A 643 32.81 -6.85 -35.74
CA GLY A 643 33.27 -5.47 -35.70
C GLY A 643 34.12 -5.05 -36.89
N LEU A 644 33.81 -3.87 -37.43
CA LEU A 644 34.46 -3.33 -38.62
C LEU A 644 34.51 -4.33 -39.77
N GLU B 1 -2.09 15.35 20.97
CA GLU B 1 -1.87 14.89 22.33
C GLU B 1 -2.90 13.85 22.76
N SER B 2 -2.41 12.75 23.33
CA SER B 2 -3.27 11.74 23.97
C SER B 2 -4.30 11.15 23.01
N SER B 3 -3.81 10.51 21.95
CA SER B 3 -4.68 9.83 20.99
C SER B 3 -4.19 8.41 20.75
N SER B 4 -5.14 7.49 20.55
CA SER B 4 -4.81 6.10 20.27
C SER B 4 -4.14 5.96 18.91
N SER B 5 -3.27 4.96 18.80
CA SER B 5 -2.59 4.68 17.54
C SER B 5 -3.43 3.76 16.65
#